data_4D4C
#
_entry.id   4D4C
#
_cell.length_a   82.248
_cell.length_b   85.285
_cell.length_c   100.613
_cell.angle_alpha   90.00
_cell.angle_beta   90.00
_cell.angle_gamma   90.00
#
_symmetry.space_group_name_H-M   'P 21 21 21'
#
loop_
_entity.id
_entity.type
_entity.pdbx_description
1 polymer ALPHA-1,6-MANNANASE
2 non-polymer 1-DEOXYMANNOJIRIMYCIN
3 non-polymer alpha-D-mannopyranose
4 non-polymer 1,2-ETHANEDIOL
5 water water
#
_entity_poly.entity_id   1
_entity_poly.type   'polypeptide(L)'
_entity_poly.pdbx_seq_one_letter_code
;MGSSHHHHHHSSGLEVLFQGPAYTASDGDTAMKAFNDTFWDPNAKMFWKDSKREKHQDFWVEAELWELVMDAYQHTSDPA
LKAELKTQIDDVYDGTVAKYGQDWTNNPFNDDIMWWAMGSARAYQITGNPRYLEAARDHFDFVYDTQWDEEFANGGIWWL
NSDHNTKNACINFPAAQAALYLYDITKDEHYLNAATKIFRWGKTMLTDGNGKVFDRIEIEHGAVPDATHYNQGTYIGSAV
GLYKATGNAVYLDDAVKAAKFTKNHLVDSNGVLNYEGPNGDLKGGKTILMRNLAHLQKTLDETGQYPEFSAEFDEWLAFN
IEMAWSHQNSDHIVDGNWAGQLLSGTYESWSSAAAVQALNGI
;
_entity_poly.pdbx_strand_id   A,B
#
# COMPACT_ATOMS: atom_id res chain seq x y z
N SER A 26 -6.90 26.05 25.12
CA SER A 26 -5.54 26.47 25.61
C SER A 26 -4.40 25.43 25.43
N ASP A 27 -4.72 24.22 24.97
CA ASP A 27 -3.76 23.11 24.92
C ASP A 27 -2.59 23.40 23.96
N GLY A 28 -2.92 23.94 22.80
CA GLY A 28 -1.89 24.38 21.85
C GLY A 28 -1.03 25.51 22.42
N ASP A 29 -1.67 26.44 23.13
CA ASP A 29 -0.95 27.54 23.80
C ASP A 29 -0.03 27.00 24.88
N THR A 30 -0.57 26.15 25.74
CA THR A 30 0.17 25.53 26.84
CA THR A 30 0.19 25.56 26.83
C THR A 30 1.37 24.73 26.30
N ALA A 31 1.12 23.93 25.27
CA ALA A 31 2.20 23.13 24.67
C ALA A 31 3.35 23.98 24.10
N MET A 32 2.99 25.05 23.40
CA MET A 32 3.99 25.91 22.76
C MET A 32 4.78 26.68 23.81
N LYS A 33 4.08 27.22 24.81
CA LYS A 33 4.76 27.95 25.89
C LYS A 33 5.77 27.04 26.61
N ALA A 34 5.36 25.80 26.88
CA ALA A 34 6.22 24.83 27.57
C ALA A 34 7.43 24.46 26.71
N PHE A 35 7.19 24.28 25.43
CA PHE A 35 8.28 23.97 24.49
C PHE A 35 9.32 25.09 24.46
N ASN A 36 8.84 26.34 24.36
CA ASN A 36 9.72 27.50 24.45
C ASN A 36 10.48 27.58 25.78
N ASP A 37 9.77 27.40 26.90
CA ASP A 37 10.43 27.50 28.21
C ASP A 37 11.55 26.45 28.29
N THR A 38 11.30 25.25 27.79
CA THR A 38 12.29 24.19 27.86
C THR A 38 13.44 24.36 26.88
N PHE A 39 13.14 24.76 25.64
CA PHE A 39 14.13 24.70 24.55
C PHE A 39 14.57 26.00 23.87
N TRP A 40 13.84 27.10 24.04
CA TRP A 40 14.23 28.32 23.37
C TRP A 40 15.37 29.02 24.10
N ASP A 41 16.41 29.37 23.35
CA ASP A 41 17.51 30.20 23.88
C ASP A 41 17.33 31.63 23.35
N PRO A 42 16.93 32.57 24.22
CA PRO A 42 16.68 33.93 23.78
C PRO A 42 17.95 34.72 23.46
N ASN A 43 19.09 34.23 23.92
CA ASN A 43 20.39 34.85 23.64
C ASN A 43 20.85 34.55 22.24
N ALA A 44 20.97 33.26 21.94
CA ALA A 44 21.41 32.80 20.61
C ALA A 44 20.27 32.91 19.59
N LYS A 45 19.06 33.13 20.07
CA LYS A 45 17.86 33.13 19.22
C LYS A 45 17.79 31.86 18.35
N MET A 46 17.96 30.73 19.04
CA MET A 46 17.85 29.41 18.47
C MET A 46 17.30 28.46 19.51
N PHE A 47 16.75 27.36 19.03
CA PHE A 47 16.34 26.30 19.94
C PHE A 47 17.56 25.45 20.30
N TRP A 48 17.63 25.05 21.56
CA TRP A 48 18.55 24.02 22.04
C TRP A 48 18.15 22.67 21.43
N LYS A 49 19.16 21.81 21.16
CA LYS A 49 18.88 20.47 20.63
C LYS A 49 18.22 19.56 21.67
N ASP A 50 18.60 19.74 22.94
CA ASP A 50 17.95 19.01 24.03
C ASP A 50 18.05 19.77 25.35
N SER A 51 17.49 19.19 26.40
CA SER A 51 17.36 19.89 27.68
C SER A 51 18.64 19.99 28.48
N LYS A 52 19.74 19.40 27.99
CA LYS A 52 21.05 19.61 28.63
C LYS A 52 21.62 20.98 28.28
N ARG A 53 21.07 21.62 27.25
CA ARG A 53 21.50 22.95 26.83
CA ARG A 53 21.52 22.96 26.83
C ARG A 53 23.01 23.01 26.57
N GLU A 54 23.48 22.03 25.82
CA GLU A 54 24.88 21.94 25.42
C GLU A 54 25.11 22.25 23.95
N LYS A 55 24.04 22.20 23.14
CA LYS A 55 24.16 22.31 21.69
C LYS A 55 22.84 22.81 21.13
N HIS A 56 22.91 23.68 20.12
CA HIS A 56 21.72 24.18 19.47
C HIS A 56 21.29 23.23 18.34
N GLN A 57 20.05 23.40 17.93
CA GLN A 57 19.42 22.50 16.98
C GLN A 57 20.12 22.55 15.60
N ASP A 58 20.09 21.42 14.89
CA ASP A 58 20.63 21.32 13.52
C ASP A 58 19.92 22.32 12.59
N PHE A 59 20.67 22.80 11.59
CA PHE A 59 20.17 23.83 10.68
C PHE A 59 18.83 23.48 10.05
N TRP A 60 18.69 22.30 9.43
CA TRP A 60 17.44 22.05 8.67
C TRP A 60 16.27 21.90 9.64
N VAL A 61 16.53 21.24 10.77
CA VAL A 61 15.51 21.04 11.79
C VAL A 61 15.01 22.38 12.39
N GLU A 62 15.92 23.35 12.52
CA GLU A 62 15.56 24.68 12.98
C GLU A 62 14.54 25.37 12.04
N ALA A 63 14.56 25.10 10.72
CA ALA A 63 13.50 25.63 9.83
C ALA A 63 12.16 25.01 10.21
N GLU A 64 12.15 23.76 10.65
CA GLU A 64 10.92 23.08 11.00
C GLU A 64 10.36 23.53 12.34
N LEU A 65 11.26 23.87 13.26
CA LEU A 65 10.87 24.55 14.49
C LEU A 65 10.38 25.99 14.25
N TRP A 66 11.02 26.67 13.32
CA TRP A 66 10.49 27.95 12.82
C TRP A 66 9.04 27.87 12.36
N GLU A 67 8.76 26.86 11.52
CA GLU A 67 7.39 26.68 11.08
C GLU A 67 6.46 26.30 12.21
N LEU A 68 6.96 25.63 13.24
CA LEU A 68 6.13 25.32 14.41
C LEU A 68 5.68 26.60 15.11
N VAL A 69 6.61 27.53 15.28
CA VAL A 69 6.28 28.85 15.88
C VAL A 69 5.20 29.54 15.02
N MET A 70 5.33 29.48 13.69
CA MET A 70 4.36 30.08 12.79
C MET A 70 2.99 29.41 12.95
N ASP A 71 2.99 28.09 13.08
CA ASP A 71 1.74 27.36 13.26
C ASP A 71 1.03 27.69 14.56
N ALA A 72 1.80 27.82 15.65
CA ALA A 72 1.23 28.29 16.90
C ALA A 72 0.69 29.71 16.78
N TYR A 73 1.43 30.57 16.11
CA TYR A 73 0.96 31.94 15.82
C TYR A 73 -0.42 31.94 15.15
N GLN A 74 -0.60 31.05 14.18
CA GLN A 74 -1.83 31.01 13.39
C GLN A 74 -2.97 30.33 14.13
N HIS A 75 -2.62 29.48 15.08
CA HIS A 75 -3.59 28.73 15.86
C HIS A 75 -4.15 29.47 17.07
N THR A 76 -3.32 30.24 17.76
CA THR A 76 -3.70 30.80 19.08
C THR A 76 -4.79 31.87 18.96
N SER A 77 -5.62 31.98 20.00
CA SER A 77 -6.57 33.08 20.10
CA SER A 77 -6.61 33.04 20.13
C SER A 77 -6.22 34.02 21.24
N ASP A 78 -5.10 33.75 21.91
CA ASP A 78 -4.55 34.61 22.94
C ASP A 78 -3.73 35.71 22.23
N PRO A 79 -4.24 36.96 22.20
CA PRO A 79 -3.53 37.99 21.41
C PRO A 79 -2.14 38.34 21.97
N ALA A 80 -1.95 38.14 23.27
CA ALA A 80 -0.66 38.41 23.89
C ALA A 80 0.39 37.40 23.45
N LEU A 81 0.03 36.12 23.53
CA LEU A 81 0.92 35.07 23.03
C LEU A 81 1.15 35.20 21.52
N LYS A 82 0.10 35.52 20.77
CA LYS A 82 0.21 35.72 19.32
C LYS A 82 1.26 36.78 18.97
N ALA A 83 1.23 37.91 19.68
CA ALA A 83 2.24 38.96 19.48
C ALA A 83 3.67 38.47 19.81
N GLU A 84 3.83 37.72 20.90
CA GLU A 84 5.15 37.19 21.27
C GLU A 84 5.66 36.22 20.22
N LEU A 85 4.78 35.36 19.72
CA LEU A 85 5.19 34.41 18.70
C LEU A 85 5.51 35.12 17.40
N LYS A 86 4.76 36.18 17.08
CA LYS A 86 5.08 36.94 15.87
C LYS A 86 6.50 37.49 15.94
N THR A 87 6.89 38.00 17.11
CA THR A 87 8.26 38.51 17.31
CA THR A 87 8.27 38.51 17.25
C THR A 87 9.27 37.37 17.19
N GLN A 88 8.91 36.21 17.73
CA GLN A 88 9.79 35.04 17.71
C GLN A 88 10.04 34.57 16.28
N ILE A 89 9.05 34.71 15.39
CA ILE A 89 9.30 34.42 13.96
C ILE A 89 10.54 35.19 13.46
N ASP A 90 10.63 36.47 13.77
CA ASP A 90 11.78 37.28 13.32
C ASP A 90 13.06 36.83 14.03
N ASP A 91 12.94 36.54 15.33
CA ASP A 91 14.08 36.18 16.17
C ASP A 91 14.75 34.89 15.69
N VAL A 92 13.94 33.92 15.29
CA VAL A 92 14.48 32.66 14.82
C VAL A 92 15.33 32.89 13.59
N TYR A 93 14.78 33.63 12.63
CA TYR A 93 15.54 33.99 11.45
C TYR A 93 16.87 34.70 11.81
N ASP A 94 16.79 35.72 12.66
CA ASP A 94 17.98 36.49 13.05
C ASP A 94 19.08 35.61 13.70
N GLY A 95 18.67 34.70 14.57
CA GLY A 95 19.61 33.81 15.26
C GLY A 95 20.32 32.90 14.28
N THR A 96 19.57 32.42 13.32
CA THR A 96 20.13 31.52 12.34
C THR A 96 21.09 32.27 11.43
N VAL A 97 20.66 33.44 10.96
CA VAL A 97 21.49 34.25 10.08
C VAL A 97 22.78 34.65 10.79
N ALA A 98 22.71 34.90 12.10
CA ALA A 98 23.92 35.27 12.84
C ALA A 98 24.99 34.17 12.79
N LYS A 99 24.54 32.91 12.84
CA LYS A 99 25.43 31.76 12.88
C LYS A 99 25.75 31.20 11.46
N TYR A 100 24.77 31.25 10.56
CA TYR A 100 24.91 30.60 9.24
C TYR A 100 24.98 31.51 7.99
N GLY A 101 24.89 32.82 8.15
CA GLY A 101 24.78 33.74 7.02
C GLY A 101 23.37 33.86 6.47
N GLN A 102 23.16 34.86 5.62
CA GLN A 102 21.89 35.02 4.91
C GLN A 102 21.86 34.21 3.60
N ASP A 103 23.04 33.93 3.05
CA ASP A 103 23.18 33.18 1.79
C ASP A 103 23.50 31.74 2.14
N TRP A 104 22.49 30.87 2.06
CA TRP A 104 22.64 29.47 2.42
C TRP A 104 23.12 28.58 1.25
N THR A 105 23.45 29.16 0.11
CA THR A 105 23.84 28.37 -1.08
C THR A 105 25.24 27.75 -0.98
N ASN A 106 25.99 28.09 0.07
CA ASN A 106 27.22 27.39 0.44
C ASN A 106 27.01 26.04 1.13
N ASN A 107 25.77 25.76 1.51
CA ASN A 107 25.42 24.49 2.14
C ASN A 107 25.26 23.44 1.05
N PRO A 108 25.97 22.30 1.15
CA PRO A 108 25.92 21.30 0.07
C PRO A 108 24.59 20.54 0.01
N PHE A 109 23.77 20.63 1.07
CA PHE A 109 22.51 19.91 1.11
C PHE A 109 21.39 20.79 0.50
N ASN A 110 20.86 20.33 -0.64
CA ASN A 110 19.78 21.10 -1.27
C ASN A 110 18.54 21.10 -0.38
N ASP A 111 18.26 19.99 0.28
CA ASP A 111 17.15 19.95 1.19
C ASP A 111 17.27 20.99 2.30
N ASP A 112 18.41 21.06 2.96
CA ASP A 112 18.63 22.11 3.97
C ASP A 112 18.19 23.50 3.45
N ILE A 113 18.67 23.81 2.27
CA ILE A 113 18.32 25.07 1.61
C ILE A 113 16.80 25.22 1.41
N MET A 114 16.17 24.17 0.89
CA MET A 114 14.79 24.25 0.55
C MET A 114 13.87 24.33 1.77
N TRP A 115 14.26 23.67 2.86
CA TRP A 115 13.46 23.74 4.08
C TRP A 115 13.43 25.20 4.55
N TRP A 116 14.54 25.89 4.46
CA TRP A 116 14.61 27.28 4.83
C TRP A 116 13.89 28.19 3.80
N ALA A 117 14.01 27.91 2.51
CA ALA A 117 13.26 28.67 1.52
C ALA A 117 11.74 28.60 1.82
N MET A 118 11.23 27.39 2.06
CA MET A 118 9.79 27.21 2.40
C MET A 118 9.39 27.98 3.65
N GLY A 119 10.18 27.80 4.71
CA GLY A 119 9.96 28.58 5.91
C GLY A 119 9.89 30.08 5.64
N SER A 120 10.83 30.56 4.86
CA SER A 120 10.90 31.99 4.57
C SER A 120 9.66 32.51 3.83
N ALA A 121 9.14 31.70 2.92
CA ALA A 121 7.95 32.09 2.22
C ALA A 121 6.80 32.25 3.19
N ARG A 122 6.66 31.33 4.14
CA ARG A 122 5.62 31.44 5.13
C ARG A 122 5.83 32.64 6.01
N ALA A 123 7.09 32.91 6.40
CA ALA A 123 7.34 34.08 7.21
C ALA A 123 6.93 35.36 6.49
N TYR A 124 7.17 35.44 5.18
CA TYR A 124 6.67 36.56 4.40
C TYR A 124 5.16 36.70 4.45
N GLN A 125 4.44 35.60 4.27
CA GLN A 125 2.98 35.64 4.31
C GLN A 125 2.52 36.24 5.63
N ILE A 126 3.14 35.82 6.74
CA ILE A 126 2.69 36.22 8.06
C ILE A 126 3.07 37.67 8.35
N THR A 127 4.31 38.05 8.07
CA THR A 127 4.82 39.32 8.53
C THR A 127 4.77 40.45 7.48
N GLY A 128 4.73 40.07 6.21
CA GLY A 128 4.89 41.06 5.12
C GLY A 128 6.27 41.70 5.01
N ASN A 129 7.27 41.17 5.72
CA ASN A 129 8.64 41.69 5.66
C ASN A 129 9.34 41.19 4.42
N PRO A 130 9.65 42.07 3.45
CA PRO A 130 10.16 41.60 2.17
CA PRO A 130 10.15 41.61 2.17
C PRO A 130 11.49 40.86 2.22
N ARG A 131 12.25 40.98 3.31
CA ARG A 131 13.48 40.18 3.41
C ARG A 131 13.19 38.68 3.28
N TYR A 132 12.01 38.25 3.74
CA TYR A 132 11.67 36.84 3.73
C TYR A 132 11.32 36.37 2.33
N LEU A 133 10.64 37.23 1.56
CA LEU A 133 10.29 36.85 0.18
C LEU A 133 11.59 36.70 -0.61
N GLU A 134 12.50 37.64 -0.46
CA GLU A 134 13.79 37.55 -1.14
C GLU A 134 14.56 36.28 -0.79
N ALA A 135 14.59 35.95 0.50
CA ALA A 135 15.25 34.72 0.98
C ALA A 135 14.61 33.48 0.34
N ALA A 136 13.29 33.45 0.32
CA ALA A 136 12.58 32.31 -0.26
C ALA A 136 12.86 32.18 -1.75
N ARG A 137 12.66 33.28 -2.47
CA ARG A 137 12.81 33.26 -3.92
C ARG A 137 14.25 32.94 -4.35
N ASP A 138 15.22 33.61 -3.74
CA ASP A 138 16.62 33.43 -4.15
C ASP A 138 17.09 31.98 -3.92
N HIS A 139 16.68 31.40 -2.80
CA HIS A 139 17.13 30.04 -2.48
C HIS A 139 16.34 28.98 -3.24
N PHE A 140 15.03 29.21 -3.44
CA PHE A 140 14.28 28.31 -4.29
C PHE A 140 14.91 28.28 -5.69
N ASP A 141 15.17 29.48 -6.23
CA ASP A 141 15.67 29.60 -7.59
C ASP A 141 17.05 28.92 -7.73
N PHE A 142 17.94 29.08 -6.74
CA PHE A 142 19.22 28.38 -6.79
C PHE A 142 19.07 26.86 -6.98
N VAL A 143 18.21 26.28 -6.15
CA VAL A 143 18.02 24.84 -6.18
C VAL A 143 17.29 24.38 -7.45
N TYR A 144 16.13 24.98 -7.74
CA TYR A 144 15.36 24.53 -8.91
C TYR A 144 16.09 24.80 -10.23
N ASP A 145 16.69 25.97 -10.34
CA ASP A 145 17.31 26.36 -11.59
C ASP A 145 18.59 25.60 -11.88
N THR A 146 19.32 25.16 -10.86
CA THR A 146 20.62 24.51 -11.09
C THR A 146 20.70 23.05 -10.68
N GLN A 147 19.71 22.54 -9.95
CA GLN A 147 19.78 21.19 -9.40
C GLN A 147 18.70 20.23 -9.90
N TRP A 148 17.81 20.70 -10.78
CA TRP A 148 16.93 19.82 -11.56
C TRP A 148 17.72 19.17 -12.71
N ASP A 149 17.50 17.88 -12.94
CA ASP A 149 18.16 17.16 -14.02
C ASP A 149 17.17 16.23 -14.70
N GLU A 150 17.06 16.33 -16.02
CA GLU A 150 16.19 15.49 -16.84
C GLU A 150 16.73 14.11 -17.16
N GLU A 151 18.04 13.89 -17.03
CA GLU A 151 18.66 12.66 -17.53
CA GLU A 151 18.66 12.65 -17.52
C GLU A 151 18.50 11.49 -16.53
N PHE A 152 19.16 11.58 -15.38
CA PHE A 152 19.04 10.49 -14.41
C PHE A 152 17.61 10.39 -13.88
N ALA A 153 17.04 9.20 -13.97
CA ALA A 153 15.68 8.94 -13.48
C ALA A 153 14.61 9.80 -14.19
N ASN A 154 14.95 10.34 -15.34
CA ASN A 154 13.99 11.10 -16.15
C ASN A 154 13.43 12.36 -15.49
N GLY A 155 14.16 12.91 -14.53
CA GLY A 155 13.73 14.14 -13.89
C GLY A 155 14.21 14.18 -12.46
N GLY A 156 13.77 15.19 -11.73
CA GLY A 156 14.03 15.27 -10.31
C GLY A 156 15.19 16.18 -9.91
N ILE A 157 15.09 16.68 -8.69
CA ILE A 157 16.12 17.47 -8.06
C ILE A 157 17.10 16.60 -7.26
N TRP A 158 18.38 16.85 -7.47
CA TRP A 158 19.43 16.18 -6.71
C TRP A 158 19.37 16.52 -5.23
N TRP A 159 19.79 15.57 -4.39
CA TRP A 159 19.82 15.75 -2.94
C TRP A 159 20.87 16.80 -2.57
N LEU A 160 22.04 16.70 -3.19
CA LEU A 160 23.17 17.58 -2.88
C LEU A 160 23.56 18.42 -4.07
N ASN A 161 24.17 19.57 -3.79
CA ASN A 161 24.75 20.37 -4.86
C ASN A 161 26.25 20.12 -5.01
N SER A 162 26.81 19.28 -4.13
CA SER A 162 28.20 18.86 -4.27
C SER A 162 28.22 17.67 -5.24
N ASP A 163 28.01 16.46 -4.71
CA ASP A 163 28.00 15.27 -5.53
C ASP A 163 26.56 15.01 -5.99
N HIS A 164 26.44 14.49 -7.20
CA HIS A 164 25.15 14.14 -7.78
C HIS A 164 24.97 12.62 -7.93
N ASN A 165 24.50 11.99 -6.85
CA ASN A 165 24.29 10.53 -6.80
C ASN A 165 22.91 10.05 -6.46
N THR A 166 22.05 10.93 -5.96
CA THR A 166 20.74 10.51 -5.51
CA THR A 166 20.71 10.51 -5.50
C THR A 166 19.73 11.67 -5.64
N LYS A 167 18.46 11.32 -5.88
CA LYS A 167 17.35 12.28 -5.94
C LYS A 167 16.33 11.82 -4.92
N ASN A 168 15.92 12.71 -4.00
CA ASN A 168 15.30 12.24 -2.74
C ASN A 168 13.96 12.93 -2.53
N ALA A 169 13.06 12.20 -1.88
CA ALA A 169 11.77 12.78 -1.51
C ALA A 169 11.91 14.01 -0.65
N CYS A 170 12.89 14.02 0.23
CA CYS A 170 13.06 15.06 1.21
C CYS A 170 13.57 16.40 0.62
N ILE A 171 14.01 16.39 -0.65
CA ILE A 171 14.18 17.64 -1.41
C ILE A 171 13.04 17.88 -2.40
N ASN A 172 12.60 16.85 -3.10
CA ASN A 172 11.65 17.10 -4.16
C ASN A 172 10.28 17.53 -3.69
N PHE A 173 9.65 16.87 -2.70
CA PHE A 173 8.31 17.32 -2.26
C PHE A 173 8.34 18.66 -1.51
N PRO A 174 9.30 18.90 -0.64
CA PRO A 174 9.43 20.25 -0.09
C PRO A 174 9.61 21.34 -1.17
N ALA A 175 10.34 21.03 -2.24
CA ALA A 175 10.48 21.97 -3.33
C ALA A 175 9.15 22.28 -4.01
N ALA A 176 8.34 21.26 -4.25
CA ALA A 176 7.03 21.52 -4.78
C ALA A 176 6.21 22.40 -3.83
N GLN A 177 6.30 22.17 -2.54
CA GLN A 177 5.57 22.97 -1.56
C GLN A 177 6.03 24.41 -1.56
N ALA A 178 7.33 24.62 -1.62
CA ALA A 178 7.89 25.95 -1.66
C ALA A 178 7.40 26.67 -2.91
N ALA A 179 7.48 26.00 -4.05
CA ALA A 179 6.96 26.59 -5.28
C ALA A 179 5.50 27.01 -5.17
N LEU A 180 4.68 26.18 -4.54
CA LEU A 180 3.28 26.53 -4.33
C LEU A 180 3.09 27.74 -3.43
N TYR A 181 3.84 27.87 -2.35
CA TYR A 181 3.80 29.10 -1.53
C TYR A 181 4.22 30.33 -2.37
N LEU A 182 5.26 30.17 -3.17
CA LEU A 182 5.73 31.29 -3.99
C LEU A 182 4.71 31.65 -5.06
N TYR A 183 4.03 30.67 -5.64
CA TYR A 183 2.92 30.98 -6.54
C TYR A 183 1.79 31.73 -5.82
N ASP A 184 1.42 31.31 -4.62
CA ASP A 184 0.34 31.96 -3.86
CA ASP A 184 0.36 31.98 -3.85
C ASP A 184 0.69 33.44 -3.62
N ILE A 185 1.95 33.72 -3.33
CA ILE A 185 2.40 35.08 -3.03
C ILE A 185 2.55 35.95 -4.28
N THR A 186 3.20 35.41 -5.30
CA THR A 186 3.65 36.20 -6.46
C THR A 186 2.85 35.98 -7.73
N LYS A 187 2.10 34.88 -7.79
CA LYS A 187 1.36 34.47 -8.99
C LYS A 187 2.24 34.40 -10.22
N ASP A 188 3.54 34.17 -10.07
CA ASP A 188 4.41 33.93 -11.22
C ASP A 188 4.12 32.49 -11.68
N GLU A 189 3.59 32.32 -12.90
CA GLU A 189 3.27 31.01 -13.46
C GLU A 189 4.47 30.07 -13.49
N HIS A 190 5.67 30.63 -13.55
CA HIS A 190 6.88 29.83 -13.39
C HIS A 190 6.86 28.88 -12.18
N TYR A 191 6.32 29.35 -11.06
CA TYR A 191 6.30 28.58 -9.84
C TYR A 191 5.19 27.53 -9.83
N LEU A 192 4.04 27.82 -10.43
CA LEU A 192 2.99 26.79 -10.53
C LEU A 192 3.49 25.67 -11.45
N ASN A 193 4.13 26.06 -12.56
CA ASN A 193 4.70 25.07 -13.48
C ASN A 193 5.75 24.19 -12.81
N ALA A 194 6.63 24.81 -12.03
CA ALA A 194 7.61 24.06 -11.26
C ALA A 194 6.96 23.05 -10.31
N ALA A 195 5.98 23.49 -9.54
CA ALA A 195 5.32 22.58 -8.61
C ALA A 195 4.73 21.40 -9.30
N THR A 196 4.07 21.68 -10.42
CA THR A 196 3.39 20.64 -11.19
C THR A 196 4.39 19.61 -11.73
N LYS A 197 5.48 20.11 -12.30
CA LYS A 197 6.51 19.25 -12.88
C LYS A 197 7.23 18.40 -11.81
N ILE A 198 7.59 19.03 -10.69
CA ILE A 198 8.32 18.33 -9.64
C ILE A 198 7.43 17.25 -9.06
N PHE A 199 6.18 17.59 -8.77
CA PHE A 199 5.27 16.64 -8.17
C PHE A 199 4.99 15.48 -9.12
N ARG A 200 4.77 15.78 -10.40
CA ARG A 200 4.49 14.70 -11.37
CA ARG A 200 4.50 14.72 -11.39
C ARG A 200 5.65 13.68 -11.39
N TRP A 201 6.88 14.19 -11.48
CA TRP A 201 8.04 13.33 -11.42
C TRP A 201 8.09 12.53 -10.13
N GLY A 202 7.82 13.19 -9.00
CA GLY A 202 7.94 12.51 -7.74
C GLY A 202 6.87 11.47 -7.53
N LYS A 203 5.66 11.74 -7.96
CA LYS A 203 4.61 10.71 -7.89
C LYS A 203 5.01 9.48 -8.71
N THR A 204 5.56 9.71 -9.89
CA THR A 204 5.86 8.64 -10.80
C THR A 204 7.09 7.82 -10.34
N MET A 205 8.17 8.50 -9.93
CA MET A 205 9.42 7.84 -9.65
CA MET A 205 9.44 7.86 -9.64
C MET A 205 9.68 7.57 -8.17
N LEU A 206 9.02 8.32 -7.27
CA LEU A 206 9.21 8.19 -5.82
C LEU A 206 7.97 7.73 -5.08
N THR A 207 7.01 7.11 -5.77
CA THR A 207 5.91 6.40 -5.08
C THR A 207 5.56 5.13 -5.79
N ASP A 208 4.76 4.29 -5.12
CA ASP A 208 4.24 3.10 -5.75
C ASP A 208 2.90 3.31 -6.46
N GLY A 209 2.41 4.55 -6.52
CA GLY A 209 1.15 4.88 -7.14
C GLY A 209 -0.03 4.65 -6.22
N ASN A 210 0.22 4.10 -5.04
CA ASN A 210 -0.82 3.89 -4.04
C ASN A 210 -0.50 4.46 -2.68
N GLY A 211 0.30 5.51 -2.71
CA GLY A 211 0.50 6.32 -1.53
C GLY A 211 1.71 5.99 -0.68
N LYS A 212 2.51 4.97 -1.06
CA LYS A 212 3.78 4.71 -0.39
C LYS A 212 4.84 5.56 -1.07
N VAL A 213 5.43 6.49 -0.33
CA VAL A 213 6.46 7.40 -0.81
C VAL A 213 7.84 6.79 -0.50
N PHE A 214 8.64 6.65 -1.56
CA PHE A 214 9.98 6.13 -1.46
C PHE A 214 11.00 7.19 -1.04
N ASP A 215 12.04 6.77 -0.33
CA ASP A 215 13.00 7.72 0.20
C ASP A 215 13.76 8.45 -0.92
N ARG A 216 14.21 7.70 -1.92
CA ARG A 216 15.12 8.25 -2.90
C ARG A 216 15.35 7.27 -4.01
N ILE A 217 16.02 7.76 -5.05
CA ILE A 217 16.43 6.93 -6.18
C ILE A 217 17.94 7.20 -6.35
N GLU A 218 18.74 6.14 -6.26
CA GLU A 218 20.20 6.22 -6.31
C GLU A 218 20.77 5.79 -7.65
N ILE A 219 21.66 6.60 -8.20
CA ILE A 219 22.30 6.27 -9.45
C ILE A 219 23.08 4.97 -9.30
N GLU A 220 22.99 4.15 -10.34
CA GLU A 220 23.60 2.82 -10.40
C GLU A 220 22.92 1.78 -9.52
N HIS A 221 21.80 2.13 -8.91
CA HIS A 221 21.04 1.18 -8.08
C HIS A 221 19.55 1.17 -8.43
N GLY A 222 18.90 2.32 -8.28
CA GLY A 222 17.48 2.45 -8.48
C GLY A 222 16.80 2.94 -7.22
N ALA A 223 15.49 2.70 -7.15
CA ALA A 223 14.70 3.21 -6.05
C ALA A 223 15.05 2.50 -4.75
N VAL A 224 14.89 3.25 -3.65
CA VAL A 224 15.06 2.75 -2.29
C VAL A 224 13.69 2.96 -1.64
N PRO A 225 12.87 1.89 -1.57
CA PRO A 225 11.46 2.04 -1.24
C PRO A 225 11.18 2.03 0.27
N ASP A 226 11.95 2.86 0.98
CA ASP A 226 11.84 3.03 2.44
C ASP A 226 10.92 4.24 2.72
N ALA A 227 9.82 4.02 3.41
CA ALA A 227 8.84 5.09 3.66
C ALA A 227 8.97 5.61 5.08
N THR A 228 8.78 6.92 5.26
CA THR A 228 8.86 7.57 6.57
C THR A 228 7.83 8.65 6.73
N HIS A 229 7.53 9.03 7.97
CA HIS A 229 6.53 10.04 8.21
C HIS A 229 6.77 11.34 7.44
N TYR A 230 7.98 11.88 7.43
CA TYR A 230 8.16 13.23 6.91
C TYR A 230 8.03 13.27 5.41
N ASN A 231 8.31 12.17 4.71
CA ASN A 231 8.14 12.13 3.28
C ASN A 231 6.71 11.85 2.88
N GLN A 232 5.97 11.07 3.68
CA GLN A 232 4.54 11.03 3.51
C GLN A 232 3.98 12.43 3.68
N GLY A 233 4.46 13.18 4.65
CA GLY A 233 3.89 14.45 4.97
C GLY A 233 4.06 15.51 3.88
N THR A 234 5.26 15.65 3.34
CA THR A 234 5.47 16.65 2.32
C THR A 234 4.87 16.25 0.98
N TYR A 235 4.76 14.96 0.70
CA TYR A 235 3.97 14.52 -0.44
C TYR A 235 2.51 14.92 -0.27
N ILE A 236 1.92 14.71 0.90
CA ILE A 236 0.52 15.03 1.15
C ILE A 236 0.33 16.53 1.06
N GLY A 237 1.23 17.32 1.61
CA GLY A 237 1.05 18.76 1.57
C GLY A 237 1.16 19.33 0.17
N SER A 238 2.11 18.85 -0.61
CA SER A 238 2.22 19.26 -1.99
C SER A 238 1.01 18.82 -2.80
N ALA A 239 0.50 17.63 -2.59
CA ALA A 239 -0.70 17.16 -3.31
C ALA A 239 -1.89 18.03 -2.99
N VAL A 240 -2.09 18.38 -1.74
CA VAL A 240 -3.23 19.21 -1.33
C VAL A 240 -3.07 20.62 -1.91
N GLY A 241 -1.87 21.15 -1.91
CA GLY A 241 -1.63 22.45 -2.54
C GLY A 241 -1.93 22.42 -4.02
N LEU A 242 -1.55 21.37 -4.73
CA LEU A 242 -1.77 21.29 -6.16
C LEU A 242 -3.25 21.08 -6.45
N TYR A 243 -3.97 20.35 -5.62
CA TYR A 243 -5.42 20.23 -5.77
C TYR A 243 -6.07 21.60 -5.71
N LYS A 244 -5.67 22.42 -4.75
CA LYS A 244 -6.25 23.75 -4.59
C LYS A 244 -5.87 24.68 -5.74
N ALA A 245 -4.67 24.57 -6.29
CA ALA A 245 -4.18 25.51 -7.31
C ALA A 245 -4.75 25.15 -8.66
N THR A 246 -5.04 23.87 -8.90
CA THR A 246 -5.40 23.41 -10.25
C THR A 246 -6.85 22.95 -10.46
N GLY A 247 -7.52 22.61 -9.37
CA GLY A 247 -8.86 22.08 -9.43
C GLY A 247 -8.95 20.67 -9.96
N ASN A 248 -7.82 19.95 -9.94
CA ASN A 248 -7.76 18.58 -10.44
C ASN A 248 -7.88 17.64 -9.26
N ALA A 249 -9.00 16.94 -9.17
CA ALA A 249 -9.31 16.03 -8.08
C ALA A 249 -8.31 14.90 -7.94
N VAL A 250 -7.59 14.54 -8.98
CA VAL A 250 -6.60 13.48 -8.83
C VAL A 250 -5.61 13.82 -7.71
N TYR A 251 -5.24 15.07 -7.54
CA TYR A 251 -4.29 15.44 -6.51
C TYR A 251 -4.86 15.18 -5.14
N LEU A 252 -6.17 15.40 -4.94
CA LEU A 252 -6.76 15.08 -3.64
C LEU A 252 -6.75 13.56 -3.43
N ASP A 253 -7.06 12.81 -4.47
CA ASP A 253 -6.98 11.37 -4.37
CA ASP A 253 -6.97 11.33 -4.45
C ASP A 253 -5.55 10.93 -4.01
N ASP A 254 -4.54 11.55 -4.61
CA ASP A 254 -3.17 11.21 -4.27
C ASP A 254 -2.91 11.44 -2.76
N ALA A 255 -3.36 12.57 -2.25
CA ALA A 255 -3.17 12.88 -0.83
C ALA A 255 -3.84 11.87 0.06
N VAL A 256 -5.07 11.51 -0.26
CA VAL A 256 -5.82 10.57 0.56
C VAL A 256 -5.11 9.20 0.56
N LYS A 257 -4.64 8.74 -0.59
CA LYS A 257 -3.95 7.47 -0.59
C LYS A 257 -2.71 7.49 0.30
N ALA A 258 -1.95 8.57 0.26
CA ALA A 258 -0.75 8.62 1.08
C ALA A 258 -1.11 8.77 2.56
N ALA A 259 -2.23 9.39 2.92
CA ALA A 259 -2.69 9.47 4.31
C ALA A 259 -3.17 8.08 4.80
N LYS A 260 -3.86 7.34 3.97
CA LYS A 260 -4.28 5.98 4.27
CA LYS A 260 -4.28 5.98 4.25
C LYS A 260 -3.07 5.07 4.46
N PHE A 261 -2.05 5.21 3.60
CA PHE A 261 -0.88 4.41 3.77
C PHE A 261 -0.23 4.69 5.10
N THR A 262 -0.12 5.96 5.46
CA THR A 262 0.42 6.32 6.75
C THR A 262 -0.32 5.66 7.91
N LYS A 263 -1.63 5.85 7.92
CA LYS A 263 -2.51 5.41 9.01
C LYS A 263 -2.47 3.90 9.19
N ASN A 264 -2.31 3.17 8.09
CA ASN A 264 -2.36 1.71 8.13
C ASN A 264 -0.99 1.03 8.21
N HIS A 265 0.04 1.71 7.74
CA HIS A 265 1.35 1.07 7.53
C HIS A 265 2.57 1.75 8.13
N LEU A 266 2.37 2.89 8.78
CA LEU A 266 3.46 3.56 9.52
C LEU A 266 3.05 3.79 10.97
N VAL A 267 2.33 2.77 11.48
CA VAL A 267 1.81 2.76 12.85
C VAL A 267 2.20 1.42 13.53
N ASP A 268 2.08 1.43 14.85
CA ASP A 268 2.29 0.24 15.67
C ASP A 268 1.01 -0.61 15.66
N SER A 269 0.97 -1.65 16.45
CA SER A 269 -0.12 -2.63 16.39
C SER A 269 -1.40 -2.09 17.03
N ASN A 270 -1.29 -0.94 17.69
CA ASN A 270 -2.45 -0.23 18.24
C ASN A 270 -2.84 1.04 17.46
N GLY A 271 -2.21 1.28 16.30
CA GLY A 271 -2.53 2.44 15.49
C GLY A 271 -1.84 3.72 15.87
N VAL A 272 -0.90 3.70 16.82
CA VAL A 272 -0.14 4.87 17.20
C VAL A 272 0.99 5.03 16.20
N LEU A 273 1.14 6.23 15.65
CA LEU A 273 2.22 6.50 14.72
C LEU A 273 3.54 5.98 15.28
N ASN A 274 4.38 5.44 14.39
CA ASN A 274 5.64 4.85 14.82
C ASN A 274 6.54 5.91 15.47
N TYR A 275 7.41 5.43 16.35
CA TYR A 275 8.64 6.14 16.73
C TYR A 275 9.70 5.74 15.72
N GLU A 276 10.32 6.70 15.04
CA GLU A 276 11.24 6.41 13.95
C GLU A 276 12.75 6.54 14.27
N GLY A 277 13.12 6.52 15.54
CA GLY A 277 14.53 6.36 15.89
C GLY A 277 15.18 5.08 15.35
N PRO A 278 16.50 5.00 15.38
CA PRO A 278 17.37 5.94 16.08
C PRO A 278 17.87 7.14 15.27
N ASN A 279 17.66 7.14 13.97
CA ASN A 279 18.17 8.23 13.15
C ASN A 279 17.61 9.56 13.65
N GLY A 280 18.52 10.49 13.92
CA GLY A 280 18.16 11.78 14.49
C GLY A 280 17.23 12.62 13.65
N ASP A 281 17.41 12.56 12.33
CA ASP A 281 16.57 13.32 11.42
C ASP A 281 15.16 12.78 11.44
N LEU A 282 15.01 11.47 11.50
CA LEU A 282 13.68 10.84 11.48
C LEU A 282 12.90 10.94 12.79
N LYS A 283 13.62 11.02 13.90
CA LYS A 283 12.97 10.97 15.24
C LYS A 283 11.81 11.97 15.41
N GLY A 284 12.00 13.16 14.88
CA GLY A 284 10.99 14.18 14.93
C GLY A 284 10.10 14.30 13.73
N GLY A 285 10.15 13.36 12.79
CA GLY A 285 9.38 13.47 11.57
C GLY A 285 7.90 13.58 11.70
N LYS A 286 7.33 13.07 12.78
CA LYS A 286 5.91 13.27 13.06
C LYS A 286 5.54 14.76 13.05
N THR A 287 6.48 15.65 13.34
CA THR A 287 6.20 17.08 13.28
C THR A 287 5.75 17.52 11.89
N ILE A 288 6.55 17.16 10.88
CA ILE A 288 6.25 17.51 9.53
C ILE A 288 5.00 16.74 9.04
N LEU A 289 4.86 15.49 9.40
CA LEU A 289 3.66 14.74 9.05
C LEU A 289 2.40 15.41 9.60
N MET A 290 2.38 15.75 10.88
CA MET A 290 1.20 16.34 11.49
C MET A 290 0.84 17.67 10.84
N ARG A 291 1.85 18.51 10.58
CA ARG A 291 1.59 19.77 9.91
C ARG A 291 0.81 19.58 8.63
N ASN A 292 1.23 18.62 7.80
CA ASN A 292 0.61 18.40 6.52
C ASN A 292 -0.70 17.59 6.58
N LEU A 293 -0.86 16.72 7.57
CA LEU A 293 -2.13 16.03 7.77
C LEU A 293 -3.22 17.05 8.15
N ALA A 294 -2.84 18.08 8.88
CA ALA A 294 -3.79 19.19 9.20
C ALA A 294 -4.31 19.89 7.94
N HIS A 295 -3.46 20.03 6.93
CA HIS A 295 -3.92 20.61 5.67
C HIS A 295 -4.91 19.72 4.99
N LEU A 296 -4.63 18.42 4.93
CA LEU A 296 -5.59 17.47 4.37
C LEU A 296 -6.94 17.47 5.12
N GLN A 297 -6.89 17.47 6.44
CA GLN A 297 -8.10 17.54 7.25
CA GLN A 297 -8.09 17.58 7.27
C GLN A 297 -8.94 18.78 6.90
N LYS A 298 -8.28 19.93 6.78
CA LYS A 298 -8.99 21.16 6.45
C LYS A 298 -9.66 21.08 5.08
N THR A 299 -8.97 20.52 4.10
CA THR A 299 -9.53 20.41 2.76
C THR A 299 -10.70 19.43 2.75
N LEU A 300 -10.58 18.31 3.44
CA LEU A 300 -11.68 17.38 3.51
C LEU A 300 -12.89 18.02 4.19
N ASP A 301 -12.64 18.84 5.21
CA ASP A 301 -13.73 19.50 5.96
C ASP A 301 -14.47 20.56 5.10
N GLU A 302 -13.63 21.33 4.38
CA GLU A 302 -14.15 22.38 3.49
C GLU A 302 -14.95 21.86 2.29
N THR A 303 -14.52 20.74 1.70
CA THR A 303 -15.05 20.25 0.44
C THR A 303 -16.11 19.17 0.60
N GLY A 304 -16.12 18.51 1.76
CA GLY A 304 -16.98 17.37 2.00
C GLY A 304 -16.60 16.11 1.24
N GLN A 305 -15.43 16.11 0.61
CA GLN A 305 -15.01 14.96 -0.17
C GLN A 305 -14.49 13.86 0.77
N TYR A 306 -14.53 12.62 0.28
CA TYR A 306 -14.06 11.46 1.06
C TYR A 306 -14.64 11.47 2.50
N PRO A 307 -15.99 11.56 2.61
CA PRO A 307 -16.56 11.69 3.97
C PRO A 307 -16.27 10.48 4.90
N GLU A 308 -16.32 9.27 4.37
CA GLU A 308 -16.06 8.07 5.16
C GLU A 308 -14.62 8.05 5.64
N PHE A 309 -13.67 8.28 4.74
CA PHE A 309 -12.28 8.36 5.16
C PHE A 309 -12.08 9.49 6.19
N SER A 310 -12.65 10.66 5.92
CA SER A 310 -12.50 11.84 6.77
C SER A 310 -12.87 11.55 8.22
N ALA A 311 -14.00 10.89 8.41
CA ALA A 311 -14.43 10.48 9.75
C ALA A 311 -13.43 9.54 10.45
N GLU A 312 -12.98 8.50 9.76
CA GLU A 312 -11.99 7.58 10.35
C GLU A 312 -10.65 8.28 10.62
N PHE A 313 -10.24 9.10 9.67
CA PHE A 313 -9.01 9.86 9.76
C PHE A 313 -9.03 10.79 10.98
N ASP A 314 -10.11 11.55 11.15
CA ASP A 314 -10.20 12.47 12.28
C ASP A 314 -10.16 11.72 13.61
N GLU A 315 -10.85 10.60 13.69
CA GLU A 315 -10.85 9.84 14.94
C GLU A 315 -9.43 9.30 15.27
N TRP A 316 -8.74 8.84 14.23
CA TRP A 316 -7.40 8.27 14.40
C TRP A 316 -6.39 9.35 14.78
N LEU A 317 -6.51 10.54 14.21
CA LEU A 317 -5.67 11.68 14.60
C LEU A 317 -5.92 12.05 16.05
N ALA A 318 -7.19 12.17 16.40
CA ALA A 318 -7.54 12.58 17.78
C ALA A 318 -7.00 11.55 18.79
N PHE A 319 -7.09 10.28 18.44
CA PHE A 319 -6.52 9.20 19.25
C PHE A 319 -5.02 9.35 19.44
N ASN A 320 -4.31 9.53 18.34
CA ASN A 320 -2.86 9.75 18.42
C ASN A 320 -2.47 10.92 19.31
N ILE A 321 -3.19 12.03 19.19
CA ILE A 321 -2.87 13.24 19.94
C ILE A 321 -3.11 13.05 21.42
N GLU A 322 -4.19 12.37 21.74
CA GLU A 322 -4.47 12.07 23.15
C GLU A 322 -3.45 11.12 23.77
N MET A 323 -3.04 10.10 23.00
CA MET A 323 -2.02 9.20 23.50
C MET A 323 -0.71 9.92 23.78
N ALA A 324 -0.31 10.75 22.84
CA ALA A 324 0.88 11.56 22.99
C ALA A 324 0.78 12.32 24.30
N TRP A 325 -0.27 13.10 24.44
CA TRP A 325 -0.41 14.01 25.59
C TRP A 325 -0.70 13.32 26.91
N SER A 326 -1.14 12.07 26.86
CA SER A 326 -1.26 11.28 28.10
C SER A 326 0.12 10.97 28.70
N HIS A 327 1.17 11.17 27.89
CA HIS A 327 2.53 10.93 28.31
C HIS A 327 3.33 12.20 28.58
N GLN A 328 2.69 13.37 28.66
CA GLN A 328 3.43 14.59 28.99
C GLN A 328 4.05 14.46 30.35
N ASN A 329 5.22 15.06 30.52
CA ASN A 329 5.87 15.07 31.81
C ASN A 329 5.38 16.28 32.62
N SER A 330 6.01 16.51 33.77
CA SER A 330 5.56 17.56 34.70
C SER A 330 5.68 18.98 34.15
N ASP A 331 6.59 19.17 33.19
CA ASP A 331 6.76 20.44 32.48
C ASP A 331 5.90 20.55 31.20
N HIS A 332 4.97 19.62 30.99
CA HIS A 332 4.12 19.55 29.78
C HIS A 332 4.93 19.40 28.48
N ILE A 333 5.99 18.60 28.55
CA ILE A 333 6.79 18.21 27.40
C ILE A 333 6.51 16.73 27.08
N VAL A 334 6.31 16.42 25.79
CA VAL A 334 5.89 15.07 25.38
C VAL A 334 7.01 14.51 24.48
N ASP A 335 7.69 13.47 24.95
CA ASP A 335 8.71 12.79 24.16
C ASP A 335 8.09 12.15 22.89
N GLY A 336 8.90 12.03 21.84
CA GLY A 336 8.42 11.52 20.56
C GLY A 336 8.00 10.07 20.53
N ASN A 337 8.25 9.31 21.60
CA ASN A 337 7.70 7.96 21.71
C ASN A 337 6.27 7.99 22.24
N TRP A 338 5.36 8.29 21.33
CA TRP A 338 3.95 8.53 21.69
C TRP A 338 3.26 7.34 22.32
N ALA A 339 3.79 6.15 22.08
CA ALA A 339 3.21 4.91 22.60
C ALA A 339 3.71 4.58 24.00
N GLY A 340 4.75 5.27 24.45
CA GLY A 340 5.35 4.94 25.75
C GLY A 340 5.17 6.06 26.77
N GLY A 345 16.18 10.14 30.59
CA GLY A 345 15.43 11.31 31.03
C GLY A 345 15.85 12.62 30.37
N THR A 346 16.36 12.54 29.15
CA THR A 346 16.75 13.73 28.37
C THR A 346 15.79 13.99 27.22
N TYR A 347 15.03 15.08 27.34
CA TYR A 347 14.08 15.46 26.29
C TYR A 347 14.78 16.26 25.19
N GLU A 348 14.44 15.95 23.95
CA GLU A 348 15.08 16.51 22.76
C GLU A 348 14.06 17.36 22.02
N SER A 349 14.48 18.51 21.51
CA SER A 349 13.51 19.44 20.91
C SER A 349 12.86 18.88 19.65
N TRP A 350 13.59 18.14 18.83
CA TRP A 350 12.98 17.63 17.58
C TRP A 350 11.94 16.54 17.87
N SER A 351 12.34 15.54 18.65
CA SER A 351 11.38 14.51 19.04
CA SER A 351 11.40 14.49 19.11
C SER A 351 10.16 15.08 19.80
N SER A 352 10.38 16.10 20.64
CA SER A 352 9.31 16.67 21.44
C SER A 352 8.40 17.62 20.67
N ALA A 353 8.85 18.10 19.50
CA ALA A 353 8.07 19.09 18.76
C ALA A 353 6.76 18.52 18.24
N ALA A 354 6.70 17.22 17.92
CA ALA A 354 5.54 16.66 17.20
C ALA A 354 4.24 16.82 17.98
N ALA A 355 4.32 16.63 19.29
CA ALA A 355 3.15 16.74 20.13
C ALA A 355 2.66 18.20 20.19
N VAL A 356 3.58 19.15 20.15
CA VAL A 356 3.24 20.58 20.10
C VAL A 356 2.55 20.90 18.77
N GLN A 357 3.19 20.49 17.67
CA GLN A 357 2.62 20.67 16.36
C GLN A 357 1.20 20.14 16.29
N ALA A 358 0.98 18.97 16.89
CA ALA A 358 -0.33 18.29 16.85
C ALA A 358 -1.47 19.12 17.45
N LEU A 359 -1.15 19.94 18.45
CA LEU A 359 -2.14 20.82 19.09
C LEU A 359 -2.22 22.21 18.47
N ASN A 360 -1.45 22.42 17.41
CA ASN A 360 -1.46 23.71 16.72
C ASN A 360 -1.74 23.59 15.20
N GLY A 361 -2.70 22.74 14.85
CA GLY A 361 -3.08 22.58 13.46
C GLY A 361 -4.02 23.67 13.00
N HIS B 6 5.11 -35.70 -16.06
CA HIS B 6 4.44 -34.42 -15.68
C HIS B 6 3.10 -34.28 -16.45
N HIS B 7 2.73 -33.09 -16.90
CA HIS B 7 1.32 -32.84 -17.33
C HIS B 7 0.87 -33.52 -18.61
N HIS B 8 -0.39 -33.93 -18.62
CA HIS B 8 -1.07 -34.41 -19.83
C HIS B 8 -1.48 -33.29 -20.81
N HIS B 9 -1.58 -33.68 -22.08
CA HIS B 9 -1.93 -32.79 -23.20
C HIS B 9 -2.93 -33.49 -24.14
N HIS B 10 -3.66 -32.70 -24.93
CA HIS B 10 -4.75 -33.20 -25.81
C HIS B 10 -5.23 -32.01 -26.63
N SER B 11 -5.41 -32.15 -27.94
CA SER B 11 -5.97 -31.03 -28.69
C SER B 11 -7.50 -30.92 -28.55
N SER B 26 6.69 -34.35 5.02
CA SER B 26 6.98 -32.92 5.19
C SER B 26 5.90 -32.25 6.04
N ASP B 27 6.13 -30.99 6.40
CA ASP B 27 5.11 -30.23 7.10
C ASP B 27 3.85 -30.13 6.22
N GLY B 28 4.07 -29.95 4.92
CA GLY B 28 2.97 -29.85 3.96
C GLY B 28 2.14 -31.12 3.89
N ASP B 29 2.81 -32.27 4.01
CA ASP B 29 2.11 -33.56 4.03
C ASP B 29 1.22 -33.66 5.27
N THR B 30 1.77 -33.32 6.44
CA THR B 30 1.03 -33.41 7.69
C THR B 30 -0.17 -32.48 7.67
N ALA B 31 0.05 -31.26 7.17
CA ALA B 31 -1.03 -30.28 7.07
C ALA B 31 -2.21 -30.76 6.20
N MET B 32 -1.89 -31.34 5.05
CA MET B 32 -2.91 -31.84 4.14
C MET B 32 -3.67 -33.02 4.74
N LYS B 33 -2.94 -33.94 5.38
CA LYS B 33 -3.54 -35.12 6.00
C LYS B 33 -4.48 -34.66 7.12
N ALA B 34 -4.06 -33.68 7.91
CA ALA B 34 -4.87 -33.14 9.00
C ALA B 34 -6.14 -32.47 8.45
N PHE B 35 -5.98 -31.70 7.39
CA PHE B 35 -7.10 -31.02 6.74
C PHE B 35 -8.15 -32.02 6.27
N ASN B 36 -7.71 -33.09 5.63
CA ASN B 36 -8.59 -34.18 5.20
C ASN B 36 -9.24 -34.87 6.40
N ASP B 37 -8.46 -35.16 7.44
CA ASP B 37 -9.03 -35.84 8.61
C ASP B 37 -10.14 -35.01 9.26
N THR B 38 -9.97 -33.69 9.27
CA THR B 38 -10.93 -32.83 9.91
C THR B 38 -12.14 -32.49 9.03
N PHE B 39 -11.93 -32.36 7.72
CA PHE B 39 -12.96 -31.80 6.86
C PHE B 39 -13.50 -32.69 5.72
N TRP B 40 -12.80 -33.75 5.35
CA TRP B 40 -13.22 -34.51 4.18
C TRP B 40 -14.37 -35.46 4.54
N ASP B 41 -15.43 -35.45 3.72
CA ASP B 41 -16.54 -36.38 3.85
C ASP B 41 -16.36 -37.47 2.79
N PRO B 42 -15.93 -38.68 3.18
CA PRO B 42 -15.71 -39.73 2.22
C PRO B 42 -17.00 -40.36 1.68
N ASN B 43 -18.14 -40.07 2.30
CA ASN B 43 -19.42 -40.59 1.85
C ASN B 43 -19.92 -39.76 0.68
N ALA B 44 -20.06 -38.46 0.91
CA ALA B 44 -20.52 -37.53 -0.12
C ALA B 44 -19.42 -37.13 -1.10
N LYS B 45 -18.17 -37.45 -0.76
CA LYS B 45 -17.00 -37.10 -1.56
C LYS B 45 -16.94 -35.58 -1.78
N MET B 46 -17.05 -34.88 -0.64
CA MET B 46 -17.10 -33.40 -0.58
CA MET B 46 -17.04 -33.43 -0.62
C MET B 46 -16.50 -32.95 0.73
N PHE B 47 -15.90 -31.76 0.77
CA PHE B 47 -15.45 -31.20 2.03
C PHE B 47 -16.61 -30.62 2.82
N TRP B 48 -16.56 -30.78 4.14
CA TRP B 48 -17.48 -30.10 5.05
C TRP B 48 -17.04 -28.64 5.18
N LYS B 49 -18.01 -27.76 5.40
CA LYS B 49 -17.75 -26.34 5.57
C LYS B 49 -17.03 -26.04 6.89
N ASP B 50 -17.29 -26.84 7.93
CA ASP B 50 -16.56 -26.69 9.19
C ASP B 50 -16.51 -28.02 9.95
N SER B 51 -15.84 -28.01 11.10
CA SER B 51 -15.52 -29.25 11.83
C SER B 51 -16.72 -29.89 12.53
N LYS B 52 -17.87 -29.21 12.55
CA LYS B 52 -19.10 -29.82 13.06
C LYS B 52 -19.70 -30.84 12.07
N ARG B 53 -19.19 -30.81 10.83
CA ARG B 53 -19.61 -31.77 9.79
CA ARG B 53 -19.61 -31.75 9.78
C ARG B 53 -21.13 -31.77 9.57
N GLU B 54 -21.72 -30.60 9.43
CA GLU B 54 -23.16 -30.49 9.21
C GLU B 54 -23.60 -29.99 7.85
N LYS B 55 -22.74 -29.17 7.22
CA LYS B 55 -23.02 -28.53 5.93
CA LYS B 55 -23.04 -28.59 5.92
C LYS B 55 -21.78 -28.70 5.07
N HIS B 56 -21.96 -29.13 3.83
CA HIS B 56 -20.84 -29.21 2.91
C HIS B 56 -20.47 -27.83 2.37
N GLN B 57 -19.23 -27.74 1.87
CA GLN B 57 -18.66 -26.50 1.41
C GLN B 57 -19.46 -25.92 0.23
N ASP B 58 -19.48 -24.59 0.15
CA ASP B 58 -20.10 -23.88 -0.98
C ASP B 58 -19.47 -24.38 -2.31
N PHE B 59 -20.26 -24.33 -3.37
CA PHE B 59 -19.87 -24.83 -4.68
C PHE B 59 -18.56 -24.20 -5.16
N TRP B 60 -18.45 -22.86 -5.19
CA TRP B 60 -17.24 -22.29 -5.79
C TRP B 60 -16.00 -22.62 -4.95
N VAL B 61 -16.16 -22.53 -3.64
CA VAL B 61 -15.05 -22.79 -2.74
C VAL B 61 -14.55 -24.23 -2.86
N GLU B 62 -15.46 -25.14 -3.14
CA GLU B 62 -15.10 -26.53 -3.31
C GLU B 62 -14.10 -26.71 -4.47
N ALA B 63 -14.20 -25.91 -5.53
CA ALA B 63 -13.20 -25.94 -6.63
C ALA B 63 -11.83 -25.56 -6.12
N GLU B 64 -11.81 -24.65 -5.17
CA GLU B 64 -10.56 -24.17 -4.62
C GLU B 64 -9.92 -25.17 -3.68
N LEU B 65 -10.75 -25.93 -2.96
CA LEU B 65 -10.24 -27.01 -2.16
C LEU B 65 -9.78 -28.15 -3.09
N TRP B 66 -10.46 -28.34 -4.22
CA TRP B 66 -10.06 -29.32 -5.22
C TRP B 66 -8.65 -28.98 -5.70
N GLU B 67 -8.42 -27.72 -6.01
CA GLU B 67 -7.06 -27.33 -6.41
C GLU B 67 -6.03 -27.47 -5.27
N LEU B 68 -6.44 -27.25 -4.03
CA LEU B 68 -5.54 -27.54 -2.90
C LEU B 68 -5.06 -29.01 -2.91
N VAL B 69 -5.99 -29.94 -3.10
CA VAL B 69 -5.62 -31.35 -3.19
C VAL B 69 -4.61 -31.55 -4.34
N MET B 70 -4.86 -30.93 -5.50
CA MET B 70 -3.95 -31.00 -6.62
C MET B 70 -2.56 -30.41 -6.27
N ASP B 71 -2.52 -29.31 -5.53
CA ASP B 71 -1.26 -28.68 -5.18
C ASP B 71 -0.47 -29.58 -4.22
N ALA B 72 -1.16 -30.22 -3.30
CA ALA B 72 -0.49 -31.17 -2.42
C ALA B 72 0.00 -32.39 -3.20
N TYR B 73 -0.82 -32.88 -4.11
CA TYR B 73 -0.39 -33.92 -5.04
C TYR B 73 0.94 -33.56 -5.73
N GLN B 74 1.07 -32.32 -6.22
CA GLN B 74 2.27 -31.93 -6.95
C GLN B 74 3.45 -31.63 -6.02
N HIS B 75 3.19 -31.32 -4.77
CA HIS B 75 4.23 -30.91 -3.83
C HIS B 75 4.87 -32.07 -3.11
N THR B 76 4.08 -33.08 -2.79
CA THR B 76 4.56 -34.18 -1.93
C THR B 76 5.62 -35.05 -2.62
N SER B 77 6.49 -35.63 -1.82
CA SER B 77 7.37 -36.68 -2.34
C SER B 77 7.16 -37.98 -1.61
N ASP B 78 6.01 -38.12 -0.95
CA ASP B 78 5.58 -39.37 -0.31
C ASP B 78 4.71 -40.05 -1.37
N PRO B 79 5.24 -41.12 -2.04
CA PRO B 79 4.49 -41.76 -3.13
C PRO B 79 3.12 -42.33 -2.73
N ALA B 80 2.96 -42.76 -1.49
CA ALA B 80 1.69 -43.34 -1.03
C ALA B 80 0.66 -42.24 -0.87
N LEU B 81 1.05 -41.15 -0.19
CA LEU B 81 0.19 -39.97 -0.08
C LEU B 81 -0.15 -39.43 -1.46
N LYS B 82 0.83 -39.40 -2.36
CA LYS B 82 0.60 -38.88 -3.71
C LYS B 82 -0.51 -39.64 -4.42
N ALA B 83 -0.44 -40.99 -4.38
CA ALA B 83 -1.44 -41.84 -5.01
C ALA B 83 -2.85 -41.63 -4.43
N GLU B 84 -2.90 -41.50 -3.11
CA GLU B 84 -4.14 -41.21 -2.40
C GLU B 84 -4.76 -39.88 -2.82
N LEU B 85 -3.91 -38.85 -2.89
CA LEU B 85 -4.37 -37.54 -3.34
C LEU B 85 -4.81 -37.57 -4.80
N LYS B 86 -4.16 -38.35 -5.65
CA LYS B 86 -4.58 -38.47 -7.05
C LYS B 86 -5.99 -39.07 -7.16
N THR B 87 -6.27 -40.10 -6.37
CA THR B 87 -7.61 -40.68 -6.29
C THR B 87 -8.63 -39.63 -5.80
N GLN B 88 -8.22 -38.82 -4.83
CA GLN B 88 -9.11 -37.84 -4.24
C GLN B 88 -9.48 -36.77 -5.27
N ILE B 89 -8.57 -36.48 -6.19
CA ILE B 89 -8.87 -35.56 -7.29
C ILE B 89 -10.10 -36.01 -8.03
N ASP B 90 -10.17 -37.31 -8.36
CA ASP B 90 -11.33 -37.85 -9.06
C ASP B 90 -12.56 -37.85 -8.15
N ASP B 91 -12.38 -38.22 -6.89
CA ASP B 91 -13.50 -38.30 -5.95
C ASP B 91 -14.17 -36.94 -5.71
N VAL B 92 -13.39 -35.87 -5.59
CA VAL B 92 -13.98 -34.52 -5.45
C VAL B 92 -14.91 -34.21 -6.63
N TYR B 93 -14.44 -34.48 -7.84
CA TYR B 93 -15.30 -34.22 -9.00
C TYR B 93 -16.59 -35.08 -8.91
N ASP B 94 -16.44 -36.34 -8.55
CA ASP B 94 -17.61 -37.24 -8.51
C ASP B 94 -18.63 -36.80 -7.46
N GLY B 95 -18.14 -36.39 -6.28
CA GLY B 95 -19.02 -35.85 -5.24
C GLY B 95 -19.79 -34.61 -5.69
N THR B 96 -19.09 -33.71 -6.35
CA THR B 96 -19.68 -32.48 -6.83
C THR B 96 -20.74 -32.75 -7.91
N VAL B 97 -20.42 -33.63 -8.85
CA VAL B 97 -21.34 -33.95 -9.93
C VAL B 97 -22.60 -34.62 -9.36
N ALA B 98 -22.44 -35.46 -8.35
CA ALA B 98 -23.59 -36.12 -7.72
C ALA B 98 -24.61 -35.11 -7.13
N LYS B 99 -24.10 -34.03 -6.54
CA LYS B 99 -24.96 -33.03 -5.88
C LYS B 99 -25.41 -31.90 -6.83
N TYR B 100 -24.53 -31.50 -7.74
CA TYR B 100 -24.74 -30.33 -8.61
C TYR B 100 -24.90 -30.62 -10.12
N GLY B 101 -24.75 -31.88 -10.51
CA GLY B 101 -24.80 -32.25 -11.92
C GLY B 101 -23.47 -32.05 -12.64
N GLN B 102 -23.40 -32.54 -13.86
CA GLN B 102 -22.23 -32.33 -14.71
C GLN B 102 -22.29 -31.01 -15.45
N ASP B 103 -23.50 -30.49 -15.67
CA ASP B 103 -23.69 -29.25 -16.43
C ASP B 103 -23.87 -28.14 -15.43
N TRP B 104 -22.84 -27.32 -15.27
CA TRP B 104 -22.88 -26.22 -14.32
C TRP B 104 -23.41 -24.91 -14.92
N THR B 105 -23.80 -24.92 -16.20
CA THR B 105 -24.29 -23.71 -16.86
C THR B 105 -25.69 -23.26 -16.41
N ASN B 106 -26.37 -24.06 -15.60
CA ASN B 106 -27.56 -23.65 -14.86
C ASN B 106 -27.31 -22.76 -13.63
N ASN B 107 -26.05 -22.64 -13.25
CA ASN B 107 -25.65 -21.75 -12.16
C ASN B 107 -25.58 -20.31 -12.73
N PRO B 108 -26.29 -19.33 -12.12
CA PRO B 108 -26.26 -17.96 -12.63
C PRO B 108 -24.95 -17.19 -12.39
N PHE B 109 -24.08 -17.75 -11.54
CA PHE B 109 -22.77 -17.14 -11.26
C PHE B 109 -21.74 -17.61 -12.28
N ASN B 110 -21.28 -16.70 -13.15
CA ASN B 110 -20.24 -17.05 -14.13
C ASN B 110 -18.93 -17.40 -13.45
N ASP B 111 -18.62 -16.70 -12.36
CA ASP B 111 -17.46 -17.06 -11.56
C ASP B 111 -17.50 -18.49 -11.01
N ASP B 112 -18.62 -18.90 -10.41
CA ASP B 112 -18.74 -20.29 -9.96
C ASP B 112 -18.35 -21.26 -11.08
N ILE B 113 -18.88 -21.04 -12.27
CA ILE B 113 -18.65 -21.90 -13.43
C ILE B 113 -17.15 -21.92 -13.81
N MET B 114 -16.56 -20.72 -13.81
CA MET B 114 -15.17 -20.59 -14.23
C MET B 114 -14.16 -21.17 -13.22
N TRP B 115 -14.44 -21.05 -11.92
CA TRP B 115 -13.59 -21.69 -10.95
C TRP B 115 -13.54 -23.20 -11.19
N TRP B 116 -14.68 -23.80 -11.50
CA TRP B 116 -14.75 -25.23 -11.85
C TRP B 116 -14.13 -25.55 -13.20
N ALA B 117 -14.29 -24.67 -14.19
CA ALA B 117 -13.61 -24.90 -15.47
C ALA B 117 -12.09 -24.95 -15.29
N MET B 118 -11.56 -23.98 -14.55
CA MET B 118 -10.13 -23.95 -14.25
C MET B 118 -9.65 -25.21 -13.49
N GLY B 119 -10.38 -25.60 -12.45
CA GLY B 119 -10.04 -26.80 -11.71
C GLY B 119 -10.05 -28.01 -12.63
N SER B 120 -11.02 -28.07 -13.55
CA SER B 120 -11.16 -29.21 -14.42
C SER B 120 -9.99 -29.29 -15.39
N ALA B 121 -9.53 -28.14 -15.90
CA ALA B 121 -8.37 -28.14 -16.78
C ALA B 121 -7.16 -28.72 -16.05
N ARG B 122 -6.94 -28.30 -14.80
CA ARG B 122 -5.85 -28.85 -13.97
C ARG B 122 -6.00 -30.34 -13.72
N ALA B 123 -7.21 -30.78 -13.44
CA ALA B 123 -7.45 -32.22 -13.25
C ALA B 123 -7.11 -33.02 -14.51
N TYR B 124 -7.41 -32.45 -15.67
CA TYR B 124 -6.95 -33.07 -16.92
C TYR B 124 -5.41 -33.14 -16.98
N GLN B 125 -4.73 -32.05 -16.66
CA GLN B 125 -3.26 -32.06 -16.69
C GLN B 125 -2.67 -33.18 -15.84
N ILE B 126 -3.28 -33.41 -14.69
CA ILE B 126 -2.75 -34.37 -13.72
C ILE B 126 -3.12 -35.83 -14.10
N THR B 127 -4.39 -36.03 -14.45
CA THR B 127 -4.92 -37.39 -14.63
C THR B 127 -4.93 -37.88 -16.08
N GLY B 128 -5.06 -36.96 -17.04
CA GLY B 128 -5.23 -37.36 -18.44
C GLY B 128 -6.62 -37.89 -18.78
N ASN B 129 -7.56 -37.79 -17.85
CA ASN B 129 -8.91 -38.31 -18.08
C ASN B 129 -9.70 -37.30 -18.93
N PRO B 130 -10.11 -37.69 -20.14
CA PRO B 130 -10.77 -36.73 -21.05
C PRO B 130 -12.01 -36.04 -20.50
N ARG B 131 -12.68 -36.63 -19.51
CA ARG B 131 -13.89 -36.01 -18.98
C ARG B 131 -13.59 -34.62 -18.41
N TYR B 132 -12.40 -34.45 -17.87
CA TYR B 132 -12.01 -33.16 -17.32
C TYR B 132 -11.73 -32.12 -18.39
N LEU B 133 -11.16 -32.53 -19.51
CA LEU B 133 -10.95 -31.57 -20.62
C LEU B 133 -12.28 -31.13 -21.23
N GLU B 134 -13.21 -32.06 -21.40
CA GLU B 134 -14.55 -31.71 -21.83
C GLU B 134 -15.20 -30.75 -20.84
N ALA B 135 -15.12 -31.04 -19.55
CA ALA B 135 -15.72 -30.17 -18.55
C ALA B 135 -15.10 -28.77 -18.62
N ALA B 136 -13.77 -28.69 -18.75
CA ALA B 136 -13.08 -27.39 -18.76
C ALA B 136 -13.46 -26.61 -20.01
N ARG B 137 -13.39 -27.27 -21.15
CA ARG B 137 -13.62 -26.60 -22.40
C ARG B 137 -15.07 -26.17 -22.53
N ASP B 138 -16.02 -27.05 -22.25
CA ASP B 138 -17.43 -26.69 -22.45
C ASP B 138 -17.83 -25.54 -21.55
N HIS B 139 -17.35 -25.52 -20.32
CA HIS B 139 -17.74 -24.46 -19.39
C HIS B 139 -17.00 -23.15 -19.66
N PHE B 140 -15.73 -23.23 -19.98
CA PHE B 140 -15.01 -22.05 -20.43
C PHE B 140 -15.70 -21.42 -21.65
N ASP B 141 -16.01 -22.25 -22.64
CA ASP B 141 -16.61 -21.74 -23.88
C ASP B 141 -17.98 -21.09 -23.60
N PHE B 142 -18.81 -21.71 -22.76
CA PHE B 142 -20.10 -21.12 -22.44
C PHE B 142 -19.92 -19.70 -21.88
N VAL B 143 -19.00 -19.55 -20.94
CA VAL B 143 -18.80 -18.24 -20.34
C VAL B 143 -18.14 -17.25 -21.30
N TYR B 144 -17.03 -17.61 -21.91
CA TYR B 144 -16.29 -16.67 -22.75
C TYR B 144 -17.05 -16.30 -24.03
N ASP B 145 -17.63 -17.31 -24.67
CA ASP B 145 -18.35 -17.11 -25.91
C ASP B 145 -19.65 -16.33 -25.75
N THR B 146 -20.34 -16.48 -24.61
CA THR B 146 -21.67 -15.84 -24.45
C THR B 146 -21.73 -14.69 -23.43
N GLN B 147 -20.71 -14.57 -22.58
CA GLN B 147 -20.71 -13.59 -21.48
C GLN B 147 -19.64 -12.51 -21.60
N TRP B 148 -18.72 -12.65 -22.55
CA TRP B 148 -17.85 -11.55 -22.97
C TRP B 148 -18.71 -10.53 -23.71
N ASP B 149 -18.50 -9.25 -23.41
CA ASP B 149 -19.34 -8.19 -23.95
C ASP B 149 -18.53 -6.94 -24.16
N GLU B 150 -18.75 -6.25 -25.27
CA GLU B 150 -18.02 -5.03 -25.51
C GLU B 150 -18.96 -3.82 -25.49
N GLU B 151 -20.23 -4.04 -25.19
CA GLU B 151 -21.19 -2.92 -25.17
C GLU B 151 -20.98 -2.05 -23.93
N PHE B 152 -20.50 -2.68 -22.87
CA PHE B 152 -20.28 -2.05 -21.54
C PHE B 152 -18.81 -2.15 -21.15
N ALA B 153 -18.25 -1.04 -20.67
CA ALA B 153 -16.88 -1.02 -20.10
C ALA B 153 -15.78 -1.42 -21.12
N ASN B 154 -16.05 -1.31 -22.40
CA ASN B 154 -15.10 -1.57 -23.47
C ASN B 154 -14.60 -3.02 -23.54
N GLY B 155 -15.41 -3.95 -23.03
CA GLY B 155 -15.00 -5.34 -22.97
C GLY B 155 -15.35 -5.97 -21.64
N GLY B 156 -14.84 -7.17 -21.42
CA GLY B 156 -14.99 -7.85 -20.13
C GLY B 156 -16.18 -8.80 -20.03
N ILE B 157 -16.03 -9.80 -19.17
CA ILE B 157 -17.04 -10.81 -18.90
C ILE B 157 -17.95 -10.40 -17.73
N TRP B 158 -19.26 -10.54 -17.93
CA TRP B 158 -20.24 -10.30 -16.87
C TRP B 158 -20.07 -11.26 -15.68
N TRP B 159 -20.38 -10.75 -14.49
CA TRP B 159 -20.33 -11.57 -13.30
C TRP B 159 -21.35 -12.70 -13.32
N LEU B 160 -22.56 -12.37 -13.76
CA LEU B 160 -23.68 -13.32 -13.77
C LEU B 160 -24.16 -13.56 -15.18
N ASN B 161 -24.75 -14.72 -15.42
CA ASN B 161 -25.44 -14.95 -16.70
C ASN B 161 -26.96 -14.74 -16.63
N SER B 162 -27.45 -14.34 -15.47
CA SER B 162 -28.82 -13.91 -15.30
C SER B 162 -28.91 -12.41 -15.58
N ASP B 163 -28.58 -11.60 -14.59
CA ASP B 163 -28.62 -10.14 -14.70
C ASP B 163 -27.24 -9.63 -15.07
N HIS B 164 -27.17 -8.75 -16.07
CA HIS B 164 -25.93 -8.10 -16.46
C HIS B 164 -25.77 -6.70 -15.84
N ASN B 165 -25.30 -6.66 -14.59
CA ASN B 165 -25.10 -5.41 -13.82
C ASN B 165 -23.66 -5.05 -13.51
N THR B 166 -22.77 -6.06 -13.52
CA THR B 166 -21.41 -5.84 -13.09
CA THR B 166 -21.40 -5.87 -13.06
C THR B 166 -20.44 -6.77 -13.80
N LYS B 167 -19.21 -6.30 -13.94
CA LYS B 167 -18.10 -7.09 -14.48
C LYS B 167 -17.00 -7.11 -13.44
N ASN B 168 -16.58 -8.31 -13.05
CA ASN B 168 -15.81 -8.47 -11.81
C ASN B 168 -14.42 -9.13 -12.03
N ALA B 169 -13.45 -8.75 -11.19
CA ALA B 169 -12.16 -9.41 -11.20
C ALA B 169 -12.28 -10.90 -10.93
N CYS B 170 -13.22 -11.29 -10.09
CA CYS B 170 -13.33 -12.71 -9.68
C CYS B 170 -13.88 -13.64 -10.75
N ILE B 171 -14.41 -13.08 -11.85
CA ILE B 171 -14.63 -13.88 -13.07
C ILE B 171 -13.53 -13.62 -14.12
N ASN B 172 -13.15 -12.35 -14.35
CA ASN B 172 -12.27 -12.10 -15.48
C ASN B 172 -10.86 -12.70 -15.34
N PHE B 173 -10.19 -12.53 -14.18
CA PHE B 173 -8.83 -13.08 -14.09
C PHE B 173 -8.81 -14.60 -14.01
N PRO B 174 -9.75 -15.19 -13.27
CA PRO B 174 -9.86 -16.66 -13.38
C PRO B 174 -10.13 -17.15 -14.79
N ALA B 175 -10.90 -16.39 -15.56
CA ALA B 175 -11.12 -16.76 -16.98
C ALA B 175 -9.82 -16.70 -17.80
N ALA B 176 -9.01 -15.68 -17.60
CA ALA B 176 -7.69 -15.67 -18.24
C ALA B 176 -6.84 -16.90 -17.85
N GLN B 177 -6.86 -17.27 -16.59
CA GLN B 177 -6.09 -18.41 -16.10
C GLN B 177 -6.58 -19.70 -16.73
N ALA B 178 -7.91 -19.87 -16.77
CA ALA B 178 -8.49 -21.06 -17.38
C ALA B 178 -8.07 -21.14 -18.85
N ALA B 179 -8.15 -20.02 -19.55
CA ALA B 179 -7.72 -19.99 -20.96
C ALA B 179 -6.25 -20.38 -21.11
N LEU B 180 -5.40 -19.91 -20.20
CA LEU B 180 -3.99 -20.31 -20.22
C LEU B 180 -3.77 -21.81 -19.98
N TYR B 181 -4.53 -22.40 -19.07
CA TYR B 181 -4.40 -23.84 -18.87
C TYR B 181 -4.86 -24.57 -20.14
N LEU B 182 -5.97 -24.10 -20.73
CA LEU B 182 -6.51 -24.74 -21.91
C LEU B 182 -5.55 -24.59 -23.09
N TYR B 183 -4.90 -23.42 -23.19
CA TYR B 183 -3.87 -23.23 -24.20
C TYR B 183 -2.66 -24.19 -23.99
N ASP B 184 -2.19 -24.33 -22.76
CA ASP B 184 -1.07 -25.22 -22.46
C ASP B 184 -1.44 -26.68 -22.84
N ILE B 185 -2.66 -27.08 -22.52
CA ILE B 185 -3.13 -28.47 -22.78
C ILE B 185 -3.25 -28.76 -24.26
N THR B 186 -3.93 -27.86 -24.98
CA THR B 186 -4.41 -28.11 -26.35
C THR B 186 -3.51 -27.54 -27.44
N LYS B 187 -2.74 -26.51 -27.08
CA LYS B 187 -1.95 -25.70 -28.03
C LYS B 187 -2.81 -24.97 -29.06
N ASP B 188 -4.11 -24.85 -28.77
CA ASP B 188 -5.04 -24.16 -29.66
C ASP B 188 -4.89 -22.66 -29.42
N GLU B 189 -4.34 -21.98 -30.42
CA GLU B 189 -4.06 -20.56 -30.32
C GLU B 189 -5.29 -19.73 -29.94
N HIS B 190 -6.51 -20.22 -30.22
CA HIS B 190 -7.74 -19.52 -29.79
C HIS B 190 -7.69 -19.19 -28.29
N TYR B 191 -7.16 -20.12 -27.48
CA TYR B 191 -7.16 -19.95 -26.03
C TYR B 191 -6.08 -18.97 -25.59
N LEU B 192 -4.94 -18.91 -26.29
CA LEU B 192 -3.98 -17.83 -26.04
C LEU B 192 -4.57 -16.48 -26.38
N ASN B 193 -5.26 -16.41 -27.51
CA ASN B 193 -5.92 -15.18 -27.94
C ASN B 193 -6.91 -14.70 -26.88
N ALA B 194 -7.69 -15.62 -26.37
CA ALA B 194 -8.68 -15.30 -25.36
C ALA B 194 -7.98 -14.79 -24.10
N ALA B 195 -6.94 -15.50 -23.64
CA ALA B 195 -6.20 -15.07 -22.42
C ALA B 195 -5.64 -13.66 -22.54
N THR B 196 -4.99 -13.42 -23.67
CA THR B 196 -4.39 -12.13 -23.93
C THR B 196 -5.44 -11.00 -23.95
N LYS B 197 -6.58 -11.26 -24.58
CA LYS B 197 -7.67 -10.28 -24.69
C LYS B 197 -8.29 -10.00 -23.32
N ILE B 198 -8.57 -11.06 -22.57
CA ILE B 198 -9.19 -10.90 -21.26
C ILE B 198 -8.25 -10.11 -20.32
N PHE B 199 -6.97 -10.53 -20.29
CA PHE B 199 -6.02 -9.90 -19.40
C PHE B 199 -5.77 -8.43 -19.75
N ARG B 200 -5.63 -8.14 -21.04
CA ARG B 200 -5.41 -6.76 -21.45
C ARG B 200 -6.56 -5.86 -20.99
N TRP B 201 -7.79 -6.35 -21.20
CA TRP B 201 -8.96 -5.61 -20.76
C TRP B 201 -8.95 -5.43 -19.24
N GLY B 202 -8.64 -6.52 -18.53
CA GLY B 202 -8.62 -6.50 -17.10
C GLY B 202 -7.58 -5.55 -16.52
N LYS B 203 -6.38 -5.56 -17.09
CA LYS B 203 -5.35 -4.62 -16.62
C LYS B 203 -5.81 -3.18 -16.82
N THR B 204 -6.41 -2.90 -17.97
CA THR B 204 -6.83 -1.55 -18.32
C THR B 204 -8.02 -1.07 -17.46
N MET B 205 -8.99 -1.94 -17.26
CA MET B 205 -10.27 -1.54 -16.73
C MET B 205 -10.49 -1.97 -15.27
N LEU B 206 -9.78 -3.01 -14.82
CA LEU B 206 -9.95 -3.54 -13.46
C LEU B 206 -8.70 -3.37 -12.63
N THR B 207 -7.75 -2.55 -13.08
CA THR B 207 -6.61 -2.18 -12.22
C THR B 207 -6.24 -0.73 -12.41
N ASP B 208 -5.42 -0.20 -11.52
CA ASP B 208 -4.94 1.17 -11.66
C ASP B 208 -3.65 1.32 -12.44
N GLY B 209 -3.18 0.26 -13.08
CA GLY B 209 -1.89 0.29 -13.75
C GLY B 209 -0.69 0.12 -12.84
N ASN B 210 -0.92 0.15 -11.52
CA ASN B 210 0.13 0.07 -10.54
C ASN B 210 0.10 -1.19 -9.71
N GLY B 211 -0.68 -2.16 -10.14
CA GLY B 211 -0.76 -3.45 -9.45
C GLY B 211 -1.92 -3.61 -8.49
N LYS B 212 -2.74 -2.57 -8.32
CA LYS B 212 -3.94 -2.69 -7.50
C LYS B 212 -5.10 -3.16 -8.35
N VAL B 213 -5.72 -4.28 -7.97
CA VAL B 213 -6.83 -4.89 -8.71
C VAL B 213 -8.14 -4.50 -8.05
N PHE B 214 -9.02 -3.88 -8.85
CA PHE B 214 -10.34 -3.44 -8.41
C PHE B 214 -11.29 -4.62 -8.36
N ASP B 215 -12.22 -4.60 -7.41
CA ASP B 215 -13.16 -5.69 -7.30
C ASP B 215 -14.02 -5.86 -8.54
N ARG B 216 -14.58 -4.76 -9.04
CA ARG B 216 -15.60 -4.83 -10.10
C ARG B 216 -15.85 -3.46 -10.66
N ILE B 217 -16.55 -3.47 -11.78
CA ILE B 217 -17.19 -2.30 -12.40
C ILE B 217 -18.72 -2.54 -12.37
N GLU B 218 -19.44 -1.57 -11.80
CA GLU B 218 -20.92 -1.60 -11.72
C GLU B 218 -21.53 -0.72 -12.79
N ILE B 219 -22.49 -1.25 -13.56
CA ILE B 219 -23.16 -0.44 -14.59
C ILE B 219 -23.79 0.81 -13.98
N GLU B 220 -23.69 1.92 -14.71
CA GLU B 220 -24.19 3.22 -14.26
C GLU B 220 -23.55 3.71 -12.97
N HIS B 221 -22.35 3.20 -12.70
CA HIS B 221 -21.58 3.66 -11.55
C HIS B 221 -20.11 3.81 -11.91
N GLY B 222 -19.46 2.71 -12.28
CA GLY B 222 -18.03 2.71 -12.58
C GLY B 222 -17.32 1.71 -11.67
N ALA B 223 -16.00 1.85 -11.56
CA ALA B 223 -15.19 0.94 -10.78
C ALA B 223 -15.44 1.06 -9.30
N VAL B 224 -15.39 -0.08 -8.64
CA VAL B 224 -15.39 -0.17 -7.19
C VAL B 224 -13.98 -0.64 -6.82
N PRO B 225 -13.10 0.31 -6.40
CA PRO B 225 -11.67 0.01 -6.23
C PRO B 225 -11.28 -0.63 -4.87
N ASP B 226 -12.04 -1.64 -4.47
CA ASP B 226 -11.78 -2.41 -3.28
C ASP B 226 -10.88 -3.58 -3.67
N ALA B 227 -9.67 -3.63 -3.10
CA ALA B 227 -8.69 -4.72 -3.38
C ALA B 227 -8.78 -5.84 -2.35
N THR B 228 -8.57 -7.06 -2.79
CA THR B 228 -8.57 -8.20 -1.90
C THR B 228 -7.54 -9.22 -2.34
N HIS B 229 -7.22 -10.12 -1.41
CA HIS B 229 -6.21 -11.15 -1.67
C HIS B 229 -6.51 -12.00 -2.89
N TYR B 230 -7.73 -12.51 -3.02
CA TYR B 230 -7.94 -13.47 -4.09
C TYR B 230 -7.90 -12.85 -5.49
N ASN B 231 -8.27 -11.57 -5.62
CA ASN B 231 -8.18 -10.85 -6.89
C ASN B 231 -6.75 -10.44 -7.20
N GLN B 232 -5.97 -10.09 -6.19
CA GLN B 232 -4.53 -9.94 -6.45
C GLN B 232 -3.96 -11.27 -6.94
N GLY B 233 -4.40 -12.36 -6.33
CA GLY B 233 -3.85 -13.68 -6.64
C GLY B 233 -4.11 -14.09 -8.07
N THR B 234 -5.34 -13.96 -8.55
CA THR B 234 -5.65 -14.45 -9.90
C THR B 234 -5.11 -13.51 -10.97
N TYR B 235 -4.98 -12.22 -10.65
CA TYR B 235 -4.26 -11.30 -11.52
C TYR B 235 -2.80 -11.74 -11.64
N ILE B 236 -2.14 -12.01 -10.52
CA ILE B 236 -0.72 -12.40 -10.53
C ILE B 236 -0.55 -13.73 -11.28
N GLY B 237 -1.45 -14.68 -11.02
CA GLY B 237 -1.38 -15.96 -11.71
C GLY B 237 -1.51 -15.86 -13.22
N SER B 238 -2.47 -15.04 -13.65
CA SER B 238 -2.68 -14.88 -15.07
CA SER B 238 -2.72 -14.77 -15.07
C SER B 238 -1.49 -14.14 -15.70
N ALA B 239 -0.93 -13.15 -15.00
CA ALA B 239 0.24 -12.45 -15.50
C ALA B 239 1.44 -13.39 -15.64
N VAL B 240 1.71 -14.21 -14.62
CA VAL B 240 2.82 -15.18 -14.69
C VAL B 240 2.56 -16.15 -15.84
N GLY B 241 1.34 -16.64 -15.96
CA GLY B 241 1.01 -17.54 -17.06
C GLY B 241 1.22 -16.97 -18.44
N LEU B 242 0.85 -15.70 -18.60
CA LEU B 242 1.02 -15.03 -19.89
C LEU B 242 2.50 -14.79 -20.16
N TYR B 243 3.27 -14.50 -19.13
CA TYR B 243 4.72 -14.39 -19.28
C TYR B 243 5.29 -15.67 -19.85
N LYS B 244 4.91 -16.80 -19.25
CA LYS B 244 5.44 -18.08 -19.67
C LYS B 244 4.95 -18.44 -21.09
N ALA B 245 3.70 -18.10 -21.43
CA ALA B 245 3.17 -18.46 -22.76
C ALA B 245 3.68 -17.61 -23.91
N THR B 246 3.96 -16.35 -23.64
CA THR B 246 4.26 -15.38 -24.70
C THR B 246 5.72 -14.92 -24.69
N GLY B 247 6.40 -15.09 -23.56
CA GLY B 247 7.75 -14.54 -23.36
C GLY B 247 7.84 -13.03 -23.20
N ASN B 248 6.71 -12.34 -23.12
CA ASN B 248 6.70 -10.87 -23.00
C ASN B 248 6.95 -10.43 -21.57
N ALA B 249 8.07 -9.75 -21.37
CA ALA B 249 8.50 -9.33 -20.04
C ALA B 249 7.52 -8.43 -19.30
N VAL B 250 6.66 -7.71 -20.02
CA VAL B 250 5.74 -6.80 -19.35
C VAL B 250 4.85 -7.57 -18.39
N TYR B 251 4.52 -8.82 -18.73
CA TYR B 251 3.67 -9.60 -17.87
C TYR B 251 4.31 -9.94 -16.54
N LEU B 252 5.61 -10.24 -16.53
CA LEU B 252 6.31 -10.50 -15.31
C LEU B 252 6.32 -9.23 -14.48
N ASP B 253 6.53 -8.09 -15.14
CA ASP B 253 6.52 -6.81 -14.46
C ASP B 253 5.15 -6.57 -13.82
N ASP B 254 4.08 -6.89 -14.55
CA ASP B 254 2.72 -6.74 -14.04
C ASP B 254 2.54 -7.57 -12.79
N ALA B 255 3.04 -8.81 -12.81
CA ALA B 255 2.93 -9.67 -11.62
C ALA B 255 3.70 -9.13 -10.42
N VAL B 256 4.91 -8.64 -10.65
CA VAL B 256 5.73 -8.10 -9.57
C VAL B 256 5.06 -6.87 -8.97
N LYS B 257 4.53 -5.97 -9.80
CA LYS B 257 3.86 -4.78 -9.27
C LYS B 257 2.66 -5.14 -8.38
N ALA B 258 1.88 -6.15 -8.79
CA ALA B 258 0.73 -6.57 -7.99
C ALA B 258 1.14 -7.31 -6.72
N ALA B 259 2.25 -8.03 -6.76
CA ALA B 259 2.80 -8.69 -5.56
C ALA B 259 3.30 -7.66 -4.57
N LYS B 260 4.00 -6.64 -5.07
CA LYS B 260 4.44 -5.54 -4.21
C LYS B 260 3.26 -4.84 -3.57
N PHE B 261 2.22 -4.57 -4.38
CA PHE B 261 1.02 -3.95 -3.84
C PHE B 261 0.47 -4.76 -2.68
N THR B 262 0.36 -6.06 -2.88
CA THR B 262 -0.17 -6.97 -1.84
C THR B 262 0.65 -6.89 -0.55
N LYS B 263 1.96 -7.00 -0.70
CA LYS B 263 2.91 -7.01 0.42
C LYS B 263 2.95 -5.68 1.17
N ASN B 264 2.82 -4.58 0.43
CA ASN B 264 2.90 -3.26 1.07
C ASN B 264 1.57 -2.79 1.66
N HIS B 265 0.46 -3.25 1.08
CA HIS B 265 -0.86 -2.67 1.42
C HIS B 265 -1.87 -3.62 2.05
N LEU B 266 -1.88 -4.90 1.66
CA LEU B 266 -2.93 -5.82 2.13
C LEU B 266 -2.45 -6.67 3.32
N VAL B 267 -1.84 -5.96 4.28
CA VAL B 267 -1.20 -6.54 5.44
C VAL B 267 -1.48 -5.65 6.65
N ASP B 268 -1.31 -6.22 7.84
CA ASP B 268 -1.44 -5.50 9.09
C ASP B 268 -0.13 -4.75 9.38
N SER B 269 -0.05 -4.12 10.56
CA SER B 269 1.11 -3.30 10.93
C SER B 269 2.43 -4.07 10.98
N ASN B 270 2.36 -5.40 11.11
CA ASN B 270 3.54 -6.25 11.13
C ASN B 270 3.88 -6.90 9.80
N GLY B 271 3.12 -6.56 8.77
CA GLY B 271 3.32 -7.18 7.47
C GLY B 271 2.69 -8.55 7.31
N VAL B 272 1.88 -8.97 8.28
CA VAL B 272 1.13 -10.22 8.13
C VAL B 272 -0.06 -9.94 7.21
N LEU B 273 -0.25 -10.82 6.22
CA LEU B 273 -1.40 -10.71 5.33
C LEU B 273 -2.68 -10.56 6.14
N ASN B 274 -3.58 -9.68 5.67
CA ASN B 274 -4.83 -9.39 6.38
C ASN B 274 -5.64 -10.65 6.57
N TYR B 275 -6.38 -10.66 7.66
CA TYR B 275 -7.53 -11.55 7.78
C TYR B 275 -8.72 -10.78 7.22
N GLU B 276 -9.32 -11.33 6.16
CA GLU B 276 -10.36 -10.62 5.43
C GLU B 276 -11.78 -11.05 5.83
N GLY B 277 -11.95 -11.85 6.87
CA GLY B 277 -13.29 -12.03 7.47
C GLY B 277 -13.79 -10.71 8.04
N PRO B 278 -15.07 -10.64 8.44
CA PRO B 278 -15.97 -11.79 8.55
C PRO B 278 -16.60 -12.31 7.25
N ASN B 279 -16.55 -11.58 6.13
CA ASN B 279 -17.14 -12.05 4.88
C ASN B 279 -16.70 -13.48 4.59
N GLY B 280 -17.67 -14.35 4.28
CA GLY B 280 -17.41 -15.76 4.14
C GLY B 280 -16.53 -16.07 2.95
N ASP B 281 -16.80 -15.41 1.83
CA ASP B 281 -16.01 -15.65 0.62
C ASP B 281 -14.58 -15.16 0.75
N LEU B 282 -14.39 -14.03 1.43
CA LEU B 282 -13.05 -13.43 1.50
C LEU B 282 -12.20 -14.09 2.57
N LYS B 283 -12.82 -14.68 3.57
CA LYS B 283 -12.02 -15.13 4.72
C LYS B 283 -10.99 -16.18 4.38
N GLY B 284 -11.25 -16.98 3.37
CA GLY B 284 -10.25 -17.95 2.86
C GLY B 284 -9.42 -17.52 1.65
N GLY B 285 -9.48 -16.25 1.31
CA GLY B 285 -8.87 -15.75 0.07
C GLY B 285 -7.35 -15.90 -0.01
N LYS B 286 -6.68 -15.96 1.15
CA LYS B 286 -5.24 -16.26 1.21
C LYS B 286 -4.90 -17.58 0.52
N THR B 287 -5.85 -18.51 0.46
CA THR B 287 -5.60 -19.77 -0.22
C THR B 287 -5.24 -19.52 -1.70
N ILE B 288 -6.08 -18.72 -2.35
CA ILE B 288 -5.92 -18.41 -3.76
C ILE B 288 -4.69 -17.51 -3.93
N LEU B 289 -4.52 -16.56 -3.04
CA LEU B 289 -3.35 -15.70 -3.13
C LEU B 289 -2.06 -16.54 -3.03
N MET B 290 -1.92 -17.39 -2.03
CA MET B 290 -0.70 -18.15 -1.82
C MET B 290 -0.40 -19.06 -2.98
N ARG B 291 -1.44 -19.69 -3.54
CA ARG B 291 -1.29 -20.54 -4.69
C ARG B 291 -0.55 -19.79 -5.81
N ASN B 292 -1.00 -18.56 -6.06
CA ASN B 292 -0.45 -17.76 -7.16
C ASN B 292 0.87 -17.07 -6.83
N LEU B 293 1.05 -16.64 -5.58
CA LEU B 293 2.38 -16.15 -5.18
C LEU B 293 3.49 -17.20 -5.34
N ALA B 294 3.16 -18.47 -5.10
CA ALA B 294 4.11 -19.53 -5.29
C ALA B 294 4.54 -19.62 -6.77
N HIS B 295 3.63 -19.37 -7.70
CA HIS B 295 4.02 -19.35 -9.13
C HIS B 295 5.00 -18.23 -9.45
N LEU B 296 4.74 -17.05 -8.89
CA LEU B 296 5.66 -15.92 -9.04
C LEU B 296 7.02 -16.26 -8.44
N GLN B 297 7.05 -16.81 -7.24
CA GLN B 297 8.29 -17.20 -6.57
C GLN B 297 9.10 -18.14 -7.45
N LYS B 298 8.45 -19.15 -8.03
CA LYS B 298 9.16 -20.13 -8.88
C LYS B 298 9.76 -19.43 -10.08
N THR B 299 8.96 -18.58 -10.74
CA THR B 299 9.46 -17.86 -11.92
C THR B 299 10.63 -16.94 -11.58
N LEU B 300 10.58 -16.21 -10.47
CA LEU B 300 11.69 -15.33 -10.09
C LEU B 300 12.95 -16.14 -9.80
N ASP B 301 12.77 -17.30 -9.17
CA ASP B 301 13.89 -18.17 -8.82
C ASP B 301 14.54 -18.71 -10.09
N GLU B 302 13.70 -19.16 -11.04
CA GLU B 302 14.19 -19.76 -12.28
C GLU B 302 14.95 -18.79 -13.17
N THR B 303 14.45 -17.57 -13.25
CA THR B 303 14.91 -16.56 -14.20
C THR B 303 15.95 -15.60 -13.62
N GLY B 304 16.02 -15.52 -12.30
CA GLY B 304 16.89 -14.56 -11.63
C GLY B 304 16.51 -13.10 -11.80
N GLN B 305 15.32 -12.84 -12.32
CA GLN B 305 14.86 -11.47 -12.54
C GLN B 305 14.32 -10.89 -11.22
N TYR B 306 14.37 -9.55 -11.12
CA TYR B 306 14.00 -8.82 -9.91
C TYR B 306 14.64 -9.43 -8.64
N PRO B 307 15.95 -9.57 -8.64
CA PRO B 307 16.58 -10.26 -7.50
C PRO B 307 16.40 -9.56 -6.16
N GLU B 308 16.37 -8.22 -6.15
CA GLU B 308 16.17 -7.50 -4.90
C GLU B 308 14.80 -7.77 -4.33
N PHE B 309 13.77 -7.62 -5.16
CA PHE B 309 12.43 -7.92 -4.72
C PHE B 309 12.27 -9.40 -4.36
N SER B 310 12.85 -10.28 -5.16
CA SER B 310 12.75 -11.71 -4.87
C SER B 310 13.22 -12.06 -3.44
N ALA B 311 14.34 -11.49 -3.01
CA ALA B 311 14.81 -11.74 -1.64
C ALA B 311 13.84 -11.20 -0.57
N GLU B 312 13.32 -9.99 -0.77
CA GLU B 312 12.37 -9.37 0.18
C GLU B 312 11.06 -10.17 0.21
N PHE B 313 10.64 -10.59 -0.98
CA PHE B 313 9.41 -11.39 -1.17
C PHE B 313 9.49 -12.76 -0.47
N ASP B 314 10.63 -13.42 -0.62
CA ASP B 314 10.86 -14.72 0.04
C ASP B 314 10.86 -14.58 1.57
N GLU B 315 11.51 -13.53 2.05
CA GLU B 315 11.62 -13.29 3.49
C GLU B 315 10.21 -13.06 4.05
N TRP B 316 9.40 -12.28 3.32
CA TRP B 316 8.08 -11.87 3.80
C TRP B 316 7.14 -13.08 3.78
N LEU B 317 7.26 -13.88 2.76
CA LEU B 317 6.45 -15.10 2.68
C LEU B 317 6.80 -16.07 3.82
N ALA B 318 8.09 -16.27 4.10
CA ALA B 318 8.52 -17.18 5.17
C ALA B 318 8.01 -16.69 6.52
N PHE B 319 8.09 -15.38 6.77
CA PHE B 319 7.59 -14.80 7.99
C PHE B 319 6.10 -15.08 8.12
N ASN B 320 5.34 -14.84 7.04
CA ASN B 320 3.88 -15.07 7.07
C ASN B 320 3.53 -16.52 7.37
N ILE B 321 4.22 -17.44 6.72
CA ILE B 321 3.93 -18.86 6.88
C ILE B 321 4.27 -19.32 8.32
N GLU B 322 5.38 -18.84 8.85
CA GLU B 322 5.79 -19.18 10.22
C GLU B 322 4.87 -18.52 11.24
N MET B 323 4.30 -17.37 10.88
CA MET B 323 3.30 -16.73 11.74
C MET B 323 2.08 -17.65 11.82
N ALA B 324 1.58 -18.05 10.67
CA ALA B 324 0.44 -18.93 10.65
C ALA B 324 0.68 -20.18 11.54
N TRP B 325 1.80 -20.86 11.31
CA TRP B 325 2.05 -22.13 11.94
C TRP B 325 2.51 -22.01 13.38
N SER B 326 2.70 -20.79 13.88
CA SER B 326 2.85 -20.58 15.30
C SER B 326 1.54 -20.71 16.08
N HIS B 327 0.40 -20.88 15.40
CA HIS B 327 -0.88 -20.87 16.07
C HIS B 327 -1.72 -22.11 15.74
N GLN B 328 -1.10 -23.24 15.42
CA GLN B 328 -1.87 -24.44 15.14
C GLN B 328 -2.51 -25.04 16.37
N ASN B 329 -3.61 -25.75 16.16
CA ASN B 329 -4.21 -26.53 17.22
C ASN B 329 -3.50 -27.88 17.29
N SER B 330 -3.87 -28.72 18.25
CA SER B 330 -3.19 -30.01 18.43
C SER B 330 -3.44 -30.98 17.27
N ASP B 331 -4.50 -30.73 16.49
CA ASP B 331 -4.82 -31.50 15.29
C ASP B 331 -4.16 -30.95 14.02
N HIS B 332 -3.26 -29.97 14.18
CA HIS B 332 -2.47 -29.38 13.09
C HIS B 332 -3.32 -28.59 12.12
N ILE B 333 -4.31 -27.89 12.64
CA ILE B 333 -5.18 -27.00 11.83
C ILE B 333 -4.95 -25.57 12.32
N VAL B 334 -4.90 -24.67 11.35
CA VAL B 334 -4.61 -23.27 11.61
CA VAL B 334 -4.56 -23.26 11.56
C VAL B 334 -5.68 -22.38 11.00
N ASP B 335 -6.35 -21.63 11.87
CA ASP B 335 -7.36 -20.70 11.43
C ASP B 335 -6.78 -19.61 10.49
N GLY B 336 -7.65 -19.05 9.65
CA GLY B 336 -7.28 -18.02 8.69
C GLY B 336 -6.82 -16.71 9.27
N ASN B 337 -7.10 -16.46 10.56
CA ASN B 337 -6.59 -15.26 11.22
C ASN B 337 -5.15 -15.56 11.65
N TRP B 338 -4.24 -15.47 10.69
CA TRP B 338 -2.88 -15.91 10.93
C TRP B 338 -2.17 -15.18 12.06
N ALA B 339 -2.47 -13.90 12.30
CA ALA B 339 -1.84 -13.16 13.38
C ALA B 339 -2.43 -13.48 14.77
N GLY B 340 -3.54 -14.19 14.79
CA GLY B 340 -4.18 -14.58 16.04
C GLY B 340 -3.48 -15.78 16.63
N SER B 344 -9.31 -22.38 20.05
CA SER B 344 -9.64 -23.62 19.36
C SER B 344 -11.07 -23.58 18.81
N GLY B 345 -11.97 -24.41 19.33
CA GLY B 345 -13.36 -24.39 18.95
C GLY B 345 -13.62 -24.95 17.57
N THR B 346 -14.60 -24.40 16.89
CA THR B 346 -14.98 -24.84 15.57
C THR B 346 -14.00 -24.27 14.54
N TYR B 347 -13.49 -25.14 13.66
CA TYR B 347 -12.59 -24.79 12.56
CA TYR B 347 -12.62 -24.68 12.57
C TYR B 347 -13.37 -24.81 11.25
N GLU B 348 -13.08 -23.88 10.35
CA GLU B 348 -13.75 -23.78 9.07
C GLU B 348 -12.79 -24.15 7.95
N SER B 349 -13.27 -24.93 6.99
CA SER B 349 -12.38 -25.45 5.96
C SER B 349 -11.83 -24.37 5.04
N TRP B 350 -12.61 -23.34 4.71
CA TRP B 350 -12.08 -22.32 3.76
C TRP B 350 -11.02 -21.48 4.47
N SER B 351 -11.35 -21.00 5.66
CA SER B 351 -10.39 -20.21 6.43
CA SER B 351 -10.41 -20.23 6.47
C SER B 351 -9.10 -21.00 6.74
N SER B 352 -9.23 -22.30 7.00
CA SER B 352 -8.08 -23.16 7.39
C SER B 352 -7.23 -23.61 6.21
N ALA B 353 -7.75 -23.47 4.99
CA ALA B 353 -7.07 -24.00 3.83
C ALA B 353 -5.78 -23.22 3.51
N ALA B 354 -5.74 -21.94 3.82
CA ALA B 354 -4.60 -21.14 3.37
C ALA B 354 -3.27 -21.62 3.99
N ALA B 355 -3.28 -21.99 5.27
CA ALA B 355 -2.08 -22.46 5.93
C ALA B 355 -1.58 -23.79 5.35
N VAL B 356 -2.50 -24.62 4.83
CA VAL B 356 -2.17 -25.86 4.13
C VAL B 356 -1.53 -25.52 2.79
N GLN B 357 -2.23 -24.66 2.05
CA GLN B 357 -1.78 -24.19 0.74
C GLN B 357 -0.33 -23.69 0.83
N ALA B 358 -0.07 -22.89 1.87
CA ALA B 358 1.25 -22.28 2.04
C ALA B 358 2.40 -23.27 2.12
N LEU B 359 2.14 -24.47 2.63
CA LEU B 359 3.17 -25.50 2.79
C LEU B 359 3.23 -26.43 1.59
N ASN B 360 2.40 -26.15 0.57
CA ASN B 360 2.27 -26.98 -0.63
C ASN B 360 2.50 -26.15 -1.89
N GLY B 361 3.49 -25.25 -1.80
CA GLY B 361 3.93 -24.36 -2.87
C GLY B 361 5.18 -24.92 -3.51
#